data_1UWT
#
_entry.id   1UWT
#
_cell.length_a   168.300
_cell.length_b   168.300
_cell.length_c   95.670
_cell.angle_alpha   90.00
_cell.angle_beta   90.00
_cell.angle_gamma   120.00
#
_symmetry.space_group_name_H-M   'P 31 2 1'
#
loop_
_entity.id
_entity.type
_entity.pdbx_description
1 polymer BETA-GALACTOSIDASE
2 non-polymer (2E,3R,4R,5R,6S)-3,4,5-TRIHYDROXY-6-(HYDROXYMETHYL)-2-PIPERIDINONE
3 non-polymer 'ACETATE ION'
4 water water
#
_entity_poly.entity_id   1
_entity_poly.type   'polypeptide(L)'
_entity_poly.pdbx_seq_one_letter_code
;MYSFPNSFRFGWSQAGFQSEMGTPGSEDPNTDWYKWVHDPENMAAGLVSGDLPENGPGYWGNYKTFHDNAQKMGLKIARL
NVEWSRIFPNPLPRPQNFDESKQDVTEVEINENELKRLDEYANKDALNHYREIFKDLKSRGLYFILNMYHWPLPLWLHDP
IRVRRGDFTGPSGWLSTRTVYEFARFSAYIAWKFDDLVDEYSTMNEPNVVGGLGYVGVKSGFPPGYLSFELSRRAMYNII
QAHARAYDGIKSVSKKPVGIIYANSSFQPLTDKDMEAVEMAENDNRWWFFDAIIRGEITRGNEKIVRDDLKGRLDWIGVN
YYTRTVVKRTEKGYVSLGGYGHGCERNSVSLAGLPTSDFGWEFFPEGLYDVLTKYWNRYHLYMYVTENGIADDADYQRPY
YLVSHVYQVHRAINSGADVRGYLHWSLADNYEWASGFSMRFGLLKVDYNTKRLYWRPSALVYREIATNGAITDEIEHLNS
VPPVKPLRH
;
_entity_poly.pdbx_strand_id   A,B
#
# COMPACT_ATOMS: atom_id res chain seq x y z
N MET A 1 -6.09 -30.55 -11.56
CA MET A 1 -6.73 -30.21 -12.86
C MET A 1 -8.20 -29.86 -12.68
N TYR A 2 -8.69 -28.99 -13.54
CA TYR A 2 -10.11 -28.67 -13.61
C TYR A 2 -10.55 -28.86 -15.05
N SER A 3 -11.31 -29.93 -15.27
CA SER A 3 -11.67 -30.35 -16.60
C SER A 3 -13.08 -29.88 -16.95
N PHE A 4 -13.27 -29.45 -18.20
CA PHE A 4 -14.58 -28.96 -18.61
C PHE A 4 -15.29 -30.04 -19.42
N PRO A 5 -16.62 -29.99 -19.49
CA PRO A 5 -17.39 -30.88 -20.38
C PRO A 5 -16.78 -30.91 -21.78
N ASN A 6 -16.96 -32.03 -22.49
CA ASN A 6 -16.40 -32.18 -23.84
C ASN A 6 -16.97 -31.19 -24.86
N SER A 7 -18.17 -30.71 -24.58
CA SER A 7 -18.89 -29.83 -25.49
C SER A 7 -18.66 -28.34 -25.21
N PHE A 8 -17.92 -28.05 -24.14
CA PHE A 8 -17.64 -26.69 -23.68
C PHE A 8 -16.62 -26.03 -24.61
N ARG A 9 -16.86 -24.76 -24.95
CA ARG A 9 -15.96 -24.08 -25.87
C ARG A 9 -15.29 -22.87 -25.25
N PHE A 10 -14.00 -22.73 -25.50
CA PHE A 10 -13.24 -21.56 -25.12
C PHE A 10 -13.03 -20.74 -26.37
N GLY A 11 -13.21 -19.42 -26.26
CA GLY A 11 -12.98 -18.52 -27.38
C GLY A 11 -12.81 -17.07 -26.96
N TRP A 12 -13.38 -16.17 -27.77
CA TRP A 12 -13.22 -14.74 -27.58
C TRP A 12 -14.39 -13.97 -28.17
N SER A 13 -14.57 -12.76 -27.65
CA SER A 13 -15.52 -11.77 -28.18
C SER A 13 -14.77 -10.51 -28.68
N GLN A 14 -15.42 -9.77 -29.59
CA GLN A 14 -14.85 -8.64 -30.31
C GLN A 14 -16.07 -7.82 -30.83
N ALA A 15 -15.90 -6.50 -30.95
CA ALA A 15 -16.93 -5.61 -31.46
C ALA A 15 -16.45 -4.98 -32.77
N GLY A 16 -17.39 -4.71 -33.69
CA GLY A 16 -17.00 -4.17 -35.01
C GLY A 16 -16.31 -2.81 -34.93
N PHE A 17 -16.92 -1.86 -34.25
CA PHE A 17 -16.37 -0.50 -34.13
C PHE A 17 -14.99 -0.52 -33.46
N GLN A 18 -14.80 -1.42 -32.49
CA GLN A 18 -13.53 -1.41 -31.76
C GLN A 18 -12.39 -2.03 -32.52
N SER A 19 -12.67 -2.99 -33.40
CA SER A 19 -11.60 -3.77 -34.02
C SER A 19 -11.48 -3.67 -35.55
N GLU A 20 -12.60 -3.35 -36.24
CA GLU A 20 -12.58 -3.45 -37.72
C GLU A 20 -11.62 -2.50 -38.37
N MET A 21 -11.67 -1.21 -38.00
CA MET A 21 -10.93 -0.17 -38.75
C MET A 21 -9.43 -0.17 -38.47
N GLY A 22 -8.65 0.31 -39.44
CA GLY A 22 -7.23 0.44 -39.27
C GLY A 22 -6.51 0.11 -40.57
N THR A 23 -7.13 -0.71 -41.42
CA THR A 23 -6.56 -1.03 -42.73
C THR A 23 -7.21 -0.16 -43.86
N PRO A 24 -6.44 0.10 -44.91
CA PRO A 24 -6.92 0.92 -46.03
C PRO A 24 -8.28 0.45 -46.50
N GLY A 25 -9.26 1.34 -46.63
CA GLY A 25 -10.54 0.93 -47.18
C GLY A 25 -11.54 0.45 -46.18
N SER A 26 -11.21 0.50 -44.88
CA SER A 26 -12.09 -0.05 -43.84
C SER A 26 -12.92 1.02 -43.15
N GLU A 27 -12.67 2.28 -43.47
CA GLU A 27 -13.32 3.36 -42.72
C GLU A 27 -14.85 3.34 -42.79
N ASP A 28 -15.50 3.49 -41.64
CA ASP A 28 -16.94 3.61 -41.55
C ASP A 28 -17.23 4.85 -40.75
N PRO A 29 -17.40 5.99 -41.46
CA PRO A 29 -17.70 7.28 -40.84
C PRO A 29 -19.16 7.52 -40.46
N ASN A 30 -20.02 6.53 -40.70
CA ASN A 30 -21.46 6.76 -40.64
C ASN A 30 -22.18 6.32 -39.37
N THR A 31 -21.50 6.35 -38.23
CA THR A 31 -22.19 6.13 -36.96
C THR A 31 -22.22 7.29 -36.03
N ASP A 32 -23.13 7.21 -35.06
CA ASP A 32 -23.11 8.18 -33.99
C ASP A 32 -21.75 8.16 -33.27
N TRP A 33 -21.22 6.96 -33.03
CA TRP A 33 -19.96 6.82 -32.25
C TRP A 33 -18.78 7.43 -33.01
N TYR A 34 -18.76 7.21 -34.29
CA TYR A 34 -17.70 7.83 -35.09
C TYR A 34 -17.76 9.36 -34.96
N LYS A 35 -18.95 9.95 -35.15
CA LYS A 35 -19.05 11.40 -35.09
C LYS A 35 -18.70 11.88 -33.66
N TRP A 36 -19.17 11.11 -32.67
CA TRP A 36 -18.94 11.43 -31.26
C TRP A 36 -17.47 11.54 -30.91
N VAL A 37 -16.67 10.59 -31.36
CA VAL A 37 -15.26 10.60 -30.99
C VAL A 37 -14.43 11.58 -31.82
N HIS A 38 -15.00 12.03 -32.95
CA HIS A 38 -14.33 13.08 -33.77
C HIS A 38 -14.73 14.50 -33.38
N ASP A 39 -15.68 14.63 -32.47
CA ASP A 39 -16.26 15.93 -32.17
C ASP A 39 -15.27 16.86 -31.44
N PRO A 40 -14.99 18.04 -32.03
CA PRO A 40 -14.06 19.00 -31.42
C PRO A 40 -14.40 19.43 -30.01
N GLU A 41 -15.69 19.64 -29.71
CA GLU A 41 -16.08 20.02 -28.37
C GLU A 41 -15.90 18.86 -27.37
N ASN A 42 -16.27 17.64 -27.79
CA ASN A 42 -16.03 16.47 -26.94
C ASN A 42 -14.52 16.29 -26.63
N MET A 43 -13.68 16.54 -27.64
CA MET A 43 -12.27 16.43 -27.49
C MET A 43 -11.77 17.45 -26.51
N ALA A 44 -12.18 18.71 -26.69
CA ALA A 44 -11.68 19.79 -25.83
C ALA A 44 -12.10 19.59 -24.37
N ALA A 45 -13.28 19.04 -24.19
CA ALA A 45 -13.82 18.76 -22.87
C ALA A 45 -13.16 17.55 -22.20
N GLY A 46 -12.43 16.76 -22.99
CA GLY A 46 -11.85 15.49 -22.52
C GLY A 46 -12.87 14.38 -22.32
N LEU A 47 -14.03 14.48 -22.96
CA LEU A 47 -15.05 13.45 -22.82
C LEU A 47 -14.62 12.27 -23.65
N VAL A 48 -13.88 12.53 -24.71
CA VAL A 48 -13.30 11.46 -25.51
C VAL A 48 -11.80 11.70 -25.54
N SER A 49 -11.05 10.65 -25.82
CA SER A 49 -9.59 10.68 -25.62
C SER A 49 -8.83 11.46 -26.70
N GLY A 50 -9.43 11.57 -27.89
CA GLY A 50 -8.72 12.17 -29.00
C GLY A 50 -8.13 11.10 -29.91
N ASP A 51 -8.06 9.84 -29.44
CA ASP A 51 -7.73 8.75 -30.36
C ASP A 51 -8.93 8.51 -31.28
N LEU A 52 -8.64 7.97 -32.46
CA LEU A 52 -9.64 7.80 -33.51
C LEU A 52 -9.65 6.33 -33.99
N PRO A 53 -10.84 5.76 -34.17
CA PRO A 53 -10.98 4.35 -34.53
C PRO A 53 -10.39 3.96 -35.86
N GLU A 54 -10.26 4.89 -36.79
CA GLU A 54 -9.74 4.57 -38.11
C GLU A 54 -8.22 4.26 -38.03
N ASN A 55 -7.61 4.48 -36.85
CA ASN A 55 -6.21 4.08 -36.61
C ASN A 55 -6.06 2.76 -35.83
N GLY A 56 -7.09 1.91 -35.94
CA GLY A 56 -7.24 0.73 -35.07
C GLY A 56 -6.52 -0.50 -35.55
N PRO A 57 -6.87 -1.66 -34.98
CA PRO A 57 -6.10 -2.90 -35.22
C PRO A 57 -6.37 -3.52 -36.60
N GLY A 58 -7.37 -3.01 -37.32
CA GLY A 58 -7.63 -3.48 -38.68
C GLY A 58 -8.13 -4.90 -38.90
N TYR A 59 -9.12 -5.33 -38.16
CA TYR A 59 -9.71 -6.65 -38.42
C TYR A 59 -10.40 -6.73 -39.81
N TRP A 60 -10.93 -5.60 -40.30
CA TRP A 60 -11.52 -5.58 -41.65
C TRP A 60 -10.61 -6.14 -42.72
N GLY A 61 -9.36 -5.69 -42.73
CA GLY A 61 -8.41 -6.20 -43.69
C GLY A 61 -7.61 -7.42 -43.23
N ASN A 62 -7.39 -7.55 -41.91
CA ASN A 62 -6.48 -8.56 -41.36
C ASN A 62 -7.13 -9.74 -40.65
N TYR A 63 -8.45 -9.90 -40.82
CA TYR A 63 -9.19 -10.96 -40.18
C TYR A 63 -8.60 -12.37 -40.28
N LYS A 64 -7.92 -12.69 -41.40
CA LYS A 64 -7.34 -14.03 -41.59
C LYS A 64 -6.23 -14.32 -40.59
N THR A 65 -5.35 -13.33 -40.38
CA THR A 65 -4.33 -13.35 -39.33
C THR A 65 -4.92 -13.51 -37.90
N PHE A 66 -6.02 -12.79 -37.61
CA PHE A 66 -6.68 -12.88 -36.31
C PHE A 66 -7.09 -14.33 -36.15
N HIS A 67 -7.78 -14.84 -37.17
CA HIS A 67 -8.32 -16.17 -37.12
C HIS A 67 -7.20 -17.24 -37.05
N ASP A 68 -6.08 -17.00 -37.74
CA ASP A 68 -4.92 -17.91 -37.73
C ASP A 68 -4.36 -18.10 -36.32
N ASN A 69 -4.28 -16.99 -35.58
CA ASN A 69 -3.79 -16.97 -34.22
C ASN A 69 -4.80 -17.58 -33.26
N ALA A 70 -6.08 -17.30 -33.48
CA ALA A 70 -7.13 -17.90 -32.67
C ALA A 70 -7.16 -19.44 -32.81
N GLN A 71 -6.94 -19.93 -34.04
CA GLN A 71 -6.87 -21.37 -34.30
C GLN A 71 -5.61 -21.98 -33.64
N LYS A 72 -4.46 -21.34 -33.79
CA LYS A 72 -3.24 -21.74 -33.11
C LYS A 72 -3.39 -21.80 -31.58
N MET A 73 -4.26 -20.95 -31.04
CA MET A 73 -4.50 -20.86 -29.61
C MET A 73 -5.51 -21.88 -29.16
N GLY A 74 -6.02 -22.69 -30.10
CA GLY A 74 -6.99 -23.73 -29.76
C GLY A 74 -8.40 -23.29 -29.50
N LEU A 75 -8.73 -22.07 -29.89
CA LEU A 75 -10.06 -21.52 -29.62
C LEU A 75 -11.08 -22.19 -30.52
N LYS A 76 -12.31 -22.32 -30.03
CA LYS A 76 -13.33 -23.05 -30.76
C LYS A 76 -14.67 -22.28 -30.87
N ILE A 77 -14.70 -21.03 -30.39
CA ILE A 77 -15.91 -20.22 -30.46
C ILE A 77 -15.55 -18.73 -30.62
N ALA A 78 -16.43 -17.96 -31.26
CA ALA A 78 -16.19 -16.54 -31.42
C ALA A 78 -17.53 -15.86 -31.39
N ARG A 79 -17.58 -14.69 -30.79
CA ARG A 79 -18.75 -13.85 -30.85
C ARG A 79 -18.33 -12.45 -31.39
N LEU A 80 -19.00 -12.04 -32.47
CA LEU A 80 -18.66 -10.85 -33.25
C LEU A 80 -20.00 -10.20 -33.62
N ASN A 81 -19.97 -8.93 -34.01
CA ASN A 81 -21.17 -8.31 -34.56
C ASN A 81 -20.99 -7.78 -35.98
N VAL A 82 -22.11 -7.61 -36.67
CA VAL A 82 -22.13 -6.79 -37.90
C VAL A 82 -22.43 -5.33 -37.50
N GLU A 83 -21.76 -4.37 -38.14
CA GLU A 83 -22.11 -2.99 -37.91
C GLU A 83 -23.27 -2.57 -38.83
N TRP A 84 -24.41 -2.33 -38.22
CA TRP A 84 -25.64 -1.79 -38.83
C TRP A 84 -25.32 -0.71 -39.88
N SER A 85 -24.50 0.25 -39.49
CA SER A 85 -24.07 1.35 -40.35
C SER A 85 -23.37 0.94 -41.63
N ARG A 86 -22.65 -0.18 -41.63
CA ARG A 86 -21.95 -0.58 -42.84
C ARG A 86 -22.93 -1.18 -43.85
N ILE A 87 -23.99 -1.82 -43.36
CA ILE A 87 -24.99 -2.46 -44.21
C ILE A 87 -26.00 -1.42 -44.71
N PHE A 88 -26.50 -0.57 -43.81
CA PHE A 88 -27.41 0.51 -44.22
C PHE A 88 -26.86 1.90 -43.95
N PRO A 89 -25.88 2.36 -44.72
CA PRO A 89 -25.31 3.68 -44.47
C PRO A 89 -26.23 4.87 -44.79
N ASN A 90 -27.28 4.64 -45.57
CA ASN A 90 -28.23 5.67 -45.96
C ASN A 90 -29.60 5.33 -45.40
N PRO A 91 -30.49 6.32 -45.27
CA PRO A 91 -31.78 6.06 -44.64
C PRO A 91 -32.66 5.13 -45.47
N LEU A 92 -33.53 4.42 -44.78
CA LEU A 92 -34.55 3.64 -45.43
C LEU A 92 -35.86 4.43 -45.49
N PRO A 93 -36.76 4.06 -46.41
CA PRO A 93 -38.06 4.74 -46.56
C PRO A 93 -38.82 4.74 -45.26
N ARG A 94 -39.47 5.85 -44.87
CA ARG A 94 -40.37 5.87 -43.70
C ARG A 94 -41.39 4.79 -43.98
N PRO A 95 -41.70 3.94 -43.00
CA PRO A 95 -42.57 2.76 -43.21
C PRO A 95 -44.08 3.02 -43.28
N PHE A 98 -47.24 2.76 -39.44
CA PHE A 98 -46.39 3.05 -38.30
C PHE A 98 -46.56 4.48 -37.72
N ASP A 99 -46.97 4.51 -36.46
CA ASP A 99 -47.30 5.73 -35.73
C ASP A 99 -46.22 6.05 -34.68
N GLU A 100 -45.34 7.00 -34.97
CA GLU A 100 -44.18 7.31 -34.12
C GLU A 100 -44.54 7.79 -32.71
N SER A 101 -45.80 8.14 -32.49
CA SER A 101 -46.28 8.67 -31.21
C SER A 101 -46.75 7.58 -30.22
N LYS A 102 -46.99 6.37 -30.73
CA LYS A 102 -47.34 5.22 -29.87
C LYS A 102 -46.11 4.82 -29.03
N GLN A 103 -46.32 4.70 -27.73
CA GLN A 103 -45.31 4.27 -26.78
C GLN A 103 -44.80 2.84 -27.02
N ASP A 104 -45.73 1.93 -27.26
CA ASP A 104 -45.39 0.52 -27.41
C ASP A 104 -45.25 0.10 -28.85
N VAL A 105 -44.27 -0.76 -29.11
CA VAL A 105 -44.11 -1.44 -30.37
C VAL A 105 -44.29 -2.92 -30.08
N THR A 106 -45.52 -3.43 -30.31
CA THR A 106 -45.88 -4.81 -29.95
C THR A 106 -45.63 -5.76 -31.08
N GLU A 107 -45.60 -5.24 -32.31
CA GLU A 107 -45.36 -6.08 -33.48
C GLU A 107 -44.68 -5.30 -34.58
N VAL A 108 -43.84 -5.99 -35.33
CA VAL A 108 -43.22 -5.45 -36.53
C VAL A 108 -43.34 -6.54 -37.56
N GLU A 109 -44.21 -6.33 -38.56
CA GLU A 109 -44.40 -7.35 -39.58
C GLU A 109 -43.26 -7.32 -40.57
N ILE A 110 -42.66 -8.48 -40.77
CA ILE A 110 -41.63 -8.62 -41.78
C ILE A 110 -41.92 -9.91 -42.51
N ASN A 111 -41.90 -9.85 -43.84
CA ASN A 111 -42.14 -11.01 -44.66
C ASN A 111 -41.08 -11.06 -45.73
N GLU A 112 -41.09 -12.14 -46.50
CA GLU A 112 -40.14 -12.34 -47.60
C GLU A 112 -40.06 -11.13 -48.55
N ASN A 113 -41.22 -10.55 -48.88
CA ASN A 113 -41.27 -9.42 -49.81
C ASN A 113 -40.63 -8.17 -49.21
N GLU A 114 -40.92 -7.86 -47.96
CA GLU A 114 -40.27 -6.76 -47.25
C GLU A 114 -38.74 -6.97 -47.14
N LEU A 115 -38.30 -8.21 -46.93
CA LEU A 115 -36.86 -8.52 -46.90
C LEU A 115 -36.17 -8.29 -48.23
N LYS A 116 -36.88 -8.65 -49.30
CA LYS A 116 -36.35 -8.43 -50.65
C LYS A 116 -36.25 -6.93 -50.98
N ARG A 117 -37.20 -6.12 -50.51
CA ARG A 117 -37.14 -4.64 -50.67
C ARG A 117 -35.94 -4.05 -49.91
N LEU A 118 -35.80 -4.47 -48.65
CA LEU A 118 -34.66 -4.08 -47.82
C LEU A 118 -33.36 -4.39 -48.54
N ASP A 119 -33.30 -5.58 -49.13
CA ASP A 119 -32.11 -6.02 -49.82
C ASP A 119 -31.66 -5.02 -50.94
N GLU A 120 -32.60 -4.23 -51.49
CA GLU A 120 -32.26 -3.22 -52.50
C GLU A 120 -31.43 -2.05 -51.94
N TYR A 121 -31.58 -1.80 -50.65
CA TYR A 121 -30.90 -0.69 -49.99
C TYR A 121 -29.56 -1.06 -49.32
N ALA A 122 -29.33 -2.35 -49.14
CA ALA A 122 -28.15 -2.82 -48.36
C ALA A 122 -26.88 -2.68 -49.17
N ASN A 123 -25.79 -2.34 -48.49
CA ASN A 123 -24.50 -2.19 -49.18
C ASN A 123 -23.92 -3.57 -49.48
N LYS A 124 -23.72 -3.85 -50.76
CA LYS A 124 -23.38 -5.21 -51.16
C LYS A 124 -21.90 -5.54 -50.92
N ASP A 125 -21.03 -4.54 -51.04
CA ASP A 125 -19.62 -4.73 -50.74
C ASP A 125 -19.43 -5.10 -49.26
N ALA A 126 -20.19 -4.43 -48.39
CA ALA A 126 -20.14 -4.70 -46.95
C ALA A 126 -20.67 -6.09 -46.68
N LEU A 127 -21.80 -6.43 -47.29
CA LEU A 127 -22.40 -7.74 -47.10
C LEU A 127 -21.47 -8.85 -47.54
N ASN A 128 -20.88 -8.70 -48.72
CA ASN A 128 -19.98 -9.72 -49.23
C ASN A 128 -18.70 -9.84 -48.37
N HIS A 129 -18.20 -8.70 -47.89
CA HIS A 129 -17.00 -8.72 -47.03
C HIS A 129 -17.25 -9.49 -45.73
N TYR A 130 -18.36 -9.20 -45.07
CA TYR A 130 -18.76 -9.92 -43.87
C TYR A 130 -18.93 -11.43 -44.12
N ARG A 131 -19.49 -11.78 -45.28
CA ARG A 131 -19.55 -13.18 -45.66
C ARG A 131 -18.13 -13.74 -45.78
N GLU A 132 -17.20 -13.00 -46.38
CA GLU A 132 -15.85 -13.51 -46.52
C GLU A 132 -15.17 -13.68 -45.13
N ILE A 133 -15.46 -12.76 -44.22
CA ILE A 133 -14.93 -12.85 -42.85
C ILE A 133 -15.50 -14.08 -42.13
N PHE A 134 -16.83 -14.20 -42.12
CA PHE A 134 -17.50 -15.29 -41.41
C PHE A 134 -17.20 -16.70 -41.99
N LYS A 135 -17.02 -16.80 -43.31
CA LYS A 135 -16.67 -18.08 -43.95
C LYS A 135 -15.29 -18.52 -43.47
N ASP A 136 -14.37 -17.57 -43.39
CA ASP A 136 -13.03 -17.87 -42.93
C ASP A 136 -13.09 -18.33 -41.46
N LEU A 137 -13.96 -17.68 -40.71
CA LEU A 137 -14.07 -17.92 -39.28
C LEU A 137 -14.49 -19.38 -39.13
N LYS A 138 -15.61 -19.73 -39.77
CA LYS A 138 -16.11 -21.09 -39.77
C LYS A 138 -15.13 -22.13 -40.31
N SER A 139 -14.27 -21.73 -41.25
CA SER A 139 -13.27 -22.66 -41.76
C SER A 139 -12.15 -23.03 -40.73
N ARG A 140 -11.97 -22.21 -39.68
CA ARG A 140 -11.03 -22.55 -38.61
C ARG A 140 -11.68 -23.33 -37.50
N GLY A 141 -12.87 -23.89 -37.76
CA GLY A 141 -13.63 -24.64 -36.77
C GLY A 141 -14.18 -23.85 -35.60
N LEU A 142 -14.37 -22.55 -35.78
CA LEU A 142 -14.96 -21.75 -34.71
C LEU A 142 -16.47 -21.75 -34.83
N TYR A 143 -17.16 -22.17 -33.77
CA TYR A 143 -18.59 -21.99 -33.60
C TYR A 143 -18.85 -20.48 -33.53
N PHE A 144 -19.95 -20.03 -34.13
CA PHE A 144 -20.16 -18.58 -34.37
C PHE A 144 -21.39 -18.08 -33.67
N ILE A 145 -21.20 -17.17 -32.70
CA ILE A 145 -22.33 -16.44 -32.15
C ILE A 145 -22.35 -15.08 -32.87
N LEU A 146 -23.41 -14.80 -33.63
CA LEU A 146 -23.55 -13.48 -34.30
C LEU A 146 -24.41 -12.56 -33.48
N ASN A 147 -23.82 -11.44 -33.08
CA ASN A 147 -24.52 -10.41 -32.33
C ASN A 147 -24.94 -9.31 -33.31
N MET A 148 -26.14 -8.75 -33.15
CA MET A 148 -26.64 -7.76 -34.12
C MET A 148 -26.15 -6.31 -33.88
N TYR A 149 -25.87 -5.97 -32.62
CA TYR A 149 -25.69 -4.59 -32.20
C TYR A 149 -24.70 -4.49 -31.04
N HIS A 150 -23.69 -3.62 -31.19
CA HIS A 150 -22.71 -3.40 -30.13
C HIS A 150 -22.37 -1.94 -30.08
N TRP A 151 -23.43 -1.11 -30.09
CA TRP A 151 -23.47 0.28 -29.61
C TRP A 151 -23.62 1.37 -30.68
N PRO A 152 -22.73 1.46 -31.65
CA PRO A 152 -22.89 2.47 -32.73
C PRO A 152 -24.16 2.26 -33.56
N LEU A 153 -24.94 3.32 -33.74
CA LEU A 153 -26.15 3.37 -34.58
C LEU A 153 -25.81 4.13 -35.86
N PRO A 154 -26.41 3.80 -36.99
CA PRO A 154 -26.24 4.65 -38.20
C PRO A 154 -26.58 6.10 -37.87
N LEU A 155 -25.80 7.03 -38.40
CA LEU A 155 -26.06 8.43 -38.16
C LEU A 155 -27.47 8.90 -38.55
N TRP A 156 -28.06 8.23 -39.56
CA TRP A 156 -29.40 8.63 -40.01
C TRP A 156 -30.43 8.26 -38.96
N LEU A 157 -30.02 7.45 -37.97
CA LEU A 157 -30.90 7.12 -36.85
C LEU A 157 -30.60 7.90 -35.53
N HIS A 158 -29.41 8.48 -35.47
CA HIS A 158 -28.96 9.19 -34.26
C HIS A 158 -27.86 10.19 -34.54
N ASP A 159 -28.17 11.46 -34.35
CA ASP A 159 -27.16 12.49 -34.35
C ASP A 159 -26.91 12.85 -32.91
N PRO A 160 -25.84 12.31 -32.33
CA PRO A 160 -25.64 12.43 -30.87
C PRO A 160 -25.24 13.82 -30.47
N ILE A 161 -24.62 14.61 -31.35
CA ILE A 161 -24.22 15.97 -30.98
C ILE A 161 -25.40 16.89 -30.81
N ARG A 162 -26.36 16.77 -31.73
CA ARG A 162 -27.61 17.51 -31.66
C ARG A 162 -28.31 17.17 -30.34
N VAL A 163 -28.36 15.88 -30.01
CA VAL A 163 -29.01 15.48 -28.72
C VAL A 163 -28.24 15.97 -27.49
N ARG A 164 -26.91 15.85 -27.51
CA ARG A 164 -26.06 16.44 -26.44
C ARG A 164 -26.41 17.92 -26.21
N ARG A 165 -26.64 18.64 -27.31
CA ARG A 165 -27.00 20.05 -27.26
C ARG A 165 -28.43 20.33 -26.79
N GLY A 166 -29.21 19.28 -26.59
CA GLY A 166 -30.55 19.47 -26.01
C GLY A 166 -31.59 19.74 -27.11
N ASP A 167 -31.22 19.44 -28.34
CA ASP A 167 -32.09 19.58 -29.50
C ASP A 167 -32.62 18.21 -29.90
N PHE A 168 -33.92 18.00 -29.68
CA PHE A 168 -34.58 16.72 -29.93
C PHE A 168 -35.39 16.67 -31.23
N THR A 169 -35.09 17.54 -32.19
CA THR A 169 -35.84 17.60 -33.45
C THR A 169 -35.27 16.67 -34.52
N GLY A 170 -34.05 16.19 -34.30
CA GLY A 170 -33.38 15.33 -35.26
C GLY A 170 -33.50 13.87 -34.88
N PRO A 171 -32.69 13.01 -35.51
CA PRO A 171 -32.70 11.56 -35.25
C PRO A 171 -32.17 11.32 -33.85
N SER A 172 -32.98 10.66 -33.05
CA SER A 172 -32.74 10.66 -31.63
C SER A 172 -32.40 9.28 -31.02
N GLY A 173 -31.99 8.35 -31.86
CA GLY A 173 -31.44 7.08 -31.42
C GLY A 173 -32.46 6.25 -30.66
N TRP A 174 -32.04 5.71 -29.50
CA TRP A 174 -32.97 4.90 -28.71
C TRP A 174 -34.10 5.70 -28.09
N LEU A 175 -34.10 7.03 -28.25
CA LEU A 175 -35.25 7.81 -27.79
C LEU A 175 -36.47 7.74 -28.75
N SER A 176 -36.27 7.17 -29.94
CA SER A 176 -37.34 7.11 -30.93
C SER A 176 -37.77 5.66 -31.25
N THR A 177 -39.08 5.40 -31.28
CA THR A 177 -39.59 4.08 -31.70
C THR A 177 -39.26 3.73 -33.16
N ARG A 178 -38.86 4.72 -33.96
CA ARG A 178 -38.42 4.40 -35.31
C ARG A 178 -37.18 3.51 -35.25
N THR A 179 -36.27 3.82 -34.33
CA THR A 179 -35.06 3.02 -34.15
C THR A 179 -35.49 1.60 -33.75
N VAL A 180 -36.53 1.48 -32.95
CA VAL A 180 -36.96 0.14 -32.54
C VAL A 180 -37.44 -0.65 -33.77
N TYR A 181 -38.20 0.05 -34.61
CA TYR A 181 -38.79 -0.58 -35.77
C TYR A 181 -37.70 -1.01 -36.72
N GLU A 182 -36.73 -0.12 -36.98
CA GLU A 182 -35.66 -0.41 -37.90
C GLU A 182 -34.69 -1.51 -37.40
N PHE A 183 -34.42 -1.51 -36.10
CA PHE A 183 -33.57 -2.58 -35.55
C PHE A 183 -34.19 -3.97 -35.73
N ALA A 184 -35.50 -4.09 -35.47
CA ALA A 184 -36.21 -5.35 -35.76
C ALA A 184 -36.00 -5.80 -37.20
N ARG A 185 -36.24 -4.89 -38.14
CA ARG A 185 -36.07 -5.20 -39.57
C ARG A 185 -34.64 -5.55 -39.88
N PHE A 186 -33.70 -4.79 -39.30
CA PHE A 186 -32.26 -5.04 -39.55
C PHE A 186 -31.85 -6.44 -39.11
N SER A 187 -32.26 -6.82 -37.91
CA SER A 187 -31.90 -8.13 -37.33
C SER A 187 -32.48 -9.29 -38.13
N ALA A 188 -33.75 -9.18 -38.51
CA ALA A 188 -34.37 -10.22 -39.36
C ALA A 188 -33.61 -10.32 -40.65
N TYR A 189 -33.25 -9.17 -41.21
CA TYR A 189 -32.55 -9.11 -42.48
C TYR A 189 -31.20 -9.80 -42.42
N ILE A 190 -30.43 -9.53 -41.36
CA ILE A 190 -29.09 -10.12 -41.21
C ILE A 190 -29.18 -11.64 -41.04
N ALA A 191 -30.10 -12.08 -40.20
CA ALA A 191 -30.35 -13.51 -40.04
C ALA A 191 -30.72 -14.15 -41.37
N TRP A 192 -31.55 -13.44 -42.13
CA TRP A 192 -32.00 -13.92 -43.44
C TRP A 192 -30.79 -14.10 -44.35
N LYS A 193 -29.85 -13.17 -44.28
CA LYS A 193 -28.68 -13.27 -45.16
C LYS A 193 -27.59 -14.23 -44.68
N PHE A 194 -27.41 -14.39 -43.36
CA PHE A 194 -26.24 -15.11 -42.87
C PHE A 194 -26.50 -16.45 -42.13
N ASP A 195 -27.77 -16.83 -42.02
CA ASP A 195 -28.17 -17.99 -41.22
C ASP A 195 -27.41 -19.26 -41.55
N ASP A 196 -26.91 -19.38 -42.77
CA ASP A 196 -26.15 -20.56 -43.14
C ASP A 196 -24.82 -20.60 -42.43
N LEU A 197 -24.34 -19.45 -41.96
CA LEU A 197 -23.02 -19.34 -41.33
C LEU A 197 -23.07 -19.26 -39.80
N VAL A 198 -24.23 -18.96 -39.25
CA VAL A 198 -24.38 -18.65 -37.85
C VAL A 198 -24.77 -19.90 -37.04
N ASP A 199 -24.22 -20.03 -35.82
CA ASP A 199 -24.63 -21.09 -34.91
C ASP A 199 -25.65 -20.62 -33.91
N GLU A 200 -25.39 -19.49 -33.24
CA GLU A 200 -26.38 -18.83 -32.36
C GLU A 200 -26.41 -17.31 -32.56
N TYR A 201 -27.48 -16.65 -32.13
CA TYR A 201 -27.63 -15.19 -32.32
C TYR A 201 -27.70 -14.52 -30.97
N SER A 202 -27.13 -13.33 -30.89
CA SER A 202 -27.48 -12.39 -29.84
C SER A 202 -28.07 -11.15 -30.51
N THR A 203 -29.09 -10.56 -29.90
CA THR A 203 -29.65 -9.33 -30.46
C THR A 203 -28.73 -8.15 -30.21
N MET A 204 -28.29 -8.01 -28.95
CA MET A 204 -27.62 -6.81 -28.46
C MET A 204 -26.49 -7.14 -27.48
N ASN A 205 -25.51 -6.25 -27.42
CA ASN A 205 -24.51 -6.23 -26.36
C ASN A 205 -24.78 -5.11 -25.35
N GLU A 206 -24.97 -5.48 -24.09
CA GLU A 206 -25.07 -4.52 -22.97
C GLU A 206 -25.96 -3.31 -23.18
N PRO A 207 -27.25 -3.52 -23.40
CA PRO A 207 -28.17 -2.39 -23.56
C PRO A 207 -28.19 -1.50 -22.32
N ASN A 208 -28.01 -2.09 -21.13
CA ASN A 208 -28.03 -1.29 -19.89
C ASN A 208 -26.90 -0.23 -19.87
N VAL A 209 -25.79 -0.53 -20.50
CA VAL A 209 -24.68 0.44 -20.61
C VAL A 209 -25.05 1.56 -21.60
N VAL A 210 -25.66 1.19 -22.73
CA VAL A 210 -26.10 2.17 -23.75
C VAL A 210 -26.98 3.25 -23.12
N GLY A 211 -28.01 2.82 -22.39
CA GLY A 211 -28.89 3.76 -21.72
C GLY A 211 -28.33 4.41 -20.44
N GLY A 212 -27.60 3.61 -19.65
CA GLY A 212 -27.03 4.12 -18.42
C GLY A 212 -25.91 5.15 -18.62
N LEU A 213 -24.89 4.83 -19.40
CA LEU A 213 -23.80 5.79 -19.64
C LEU A 213 -24.26 6.93 -20.59
N GLY A 214 -25.14 6.62 -21.54
CA GLY A 214 -25.66 7.60 -22.49
C GLY A 214 -26.41 8.79 -21.89
N TYR A 215 -27.15 8.55 -20.81
CA TYR A 215 -28.12 9.50 -20.30
C TYR A 215 -27.99 9.71 -18.79
N VAL A 216 -27.07 8.98 -18.13
CA VAL A 216 -26.85 9.25 -16.71
C VAL A 216 -25.37 9.43 -16.37
N GLY A 217 -24.57 8.43 -16.68
CA GLY A 217 -23.15 8.50 -16.37
C GLY A 217 -22.40 9.27 -17.45
N VAL A 218 -22.72 10.55 -17.56
CA VAL A 218 -22.24 11.37 -18.69
C VAL A 218 -20.73 11.69 -18.65
N LYS A 219 -20.10 11.53 -17.48
CA LYS A 219 -18.65 11.67 -17.43
C LYS A 219 -17.91 10.56 -18.17
N SER A 220 -18.62 9.48 -18.50
CA SER A 220 -17.98 8.42 -19.23
C SER A 220 -17.75 8.78 -20.72
N GLY A 221 -18.37 9.87 -21.20
CA GLY A 221 -18.26 10.26 -22.61
C GLY A 221 -18.84 9.26 -23.57
N PHE A 222 -20.02 8.72 -23.25
CA PHE A 222 -20.78 7.85 -24.14
C PHE A 222 -21.88 8.71 -24.80
N PRO A 223 -22.15 8.50 -26.08
CA PRO A 223 -23.18 9.31 -26.75
C PRO A 223 -24.59 8.96 -26.28
N PRO A 224 -25.53 9.90 -26.27
CA PRO A 224 -25.32 11.31 -26.63
C PRO A 224 -24.89 12.19 -25.47
N GLY A 225 -24.64 11.58 -24.30
CA GLY A 225 -24.17 12.38 -23.17
C GLY A 225 -25.14 13.43 -22.70
N TYR A 226 -26.42 13.10 -22.71
CA TYR A 226 -27.47 14.03 -22.28
C TYR A 226 -28.02 13.56 -20.94
N LEU A 227 -27.82 14.35 -19.91
CA LEU A 227 -28.06 13.91 -18.55
C LEU A 227 -29.55 13.99 -18.22
N SER A 228 -30.21 12.84 -18.11
CA SER A 228 -31.67 12.79 -17.85
C SER A 228 -32.11 11.43 -17.34
N PHE A 229 -32.56 11.37 -16.09
CA PHE A 229 -33.18 10.15 -15.60
C PHE A 229 -34.35 9.74 -16.51
N GLU A 230 -35.23 10.70 -16.80
CA GLU A 230 -36.43 10.39 -17.61
C GLU A 230 -36.09 9.81 -18.98
N LEU A 231 -35.13 10.41 -19.67
CA LEU A 231 -34.75 9.88 -20.99
C LEU A 231 -33.97 8.60 -20.94
N SER A 232 -33.20 8.38 -19.87
CA SER A 232 -32.60 7.06 -19.65
C SER A 232 -33.68 5.97 -19.56
N ARG A 233 -34.76 6.22 -18.84
CA ARG A 233 -35.86 5.24 -18.73
C ARG A 233 -36.51 5.00 -20.09
N ARG A 234 -36.72 6.09 -20.83
CA ARG A 234 -37.31 5.98 -22.17
C ARG A 234 -36.40 5.19 -23.09
N ALA A 235 -35.07 5.47 -23.11
CA ALA A 235 -34.19 4.67 -23.94
C ALA A 235 -34.23 3.19 -23.55
N MET A 236 -34.22 2.92 -22.25
CA MET A 236 -34.21 1.52 -21.79
C MET A 236 -35.51 0.81 -22.20
N TYR A 237 -36.63 1.48 -22.02
CA TYR A 237 -37.94 0.95 -22.49
C TYR A 237 -37.91 0.61 -23.98
N ASN A 238 -37.40 1.51 -24.81
CA ASN A 238 -37.31 1.23 -26.24
C ASN A 238 -36.37 0.09 -26.61
N ILE A 239 -35.20 0.06 -25.97
CA ILE A 239 -34.26 -1.01 -26.24
C ILE A 239 -34.82 -2.37 -25.83
N ILE A 240 -35.57 -2.43 -24.73
CA ILE A 240 -36.22 -3.68 -24.34
C ILE A 240 -37.15 -4.17 -25.48
N GLN A 241 -38.09 -3.31 -25.89
CA GLN A 241 -39.02 -3.73 -26.95
C GLN A 241 -38.30 -4.01 -28.25
N ALA A 242 -37.18 -3.34 -28.50
CA ALA A 242 -36.37 -3.61 -29.69
C ALA A 242 -35.79 -5.01 -29.63
N HIS A 243 -35.37 -5.41 -28.43
CA HIS A 243 -34.82 -6.74 -28.30
C HIS A 243 -35.93 -7.76 -28.67
N ALA A 244 -37.10 -7.56 -28.09
CA ALA A 244 -38.25 -8.45 -28.32
C ALA A 244 -38.65 -8.52 -29.82
N ARG A 245 -38.78 -7.36 -30.47
CA ARG A 245 -39.08 -7.33 -31.90
C ARG A 245 -37.97 -7.94 -32.71
N ALA A 246 -36.72 -7.75 -32.30
CA ALA A 246 -35.62 -8.40 -33.02
C ALA A 246 -35.67 -9.92 -32.83
N TYR A 247 -36.05 -10.37 -31.65
CA TYR A 247 -36.13 -11.82 -31.42
C TYR A 247 -37.18 -12.45 -32.38
N ASP A 248 -38.38 -11.86 -32.43
CA ASP A 248 -39.45 -12.31 -33.35
C ASP A 248 -39.02 -12.25 -34.79
N GLY A 249 -38.30 -11.17 -35.14
CA GLY A 249 -37.81 -11.00 -36.49
C GLY A 249 -36.85 -12.10 -36.89
N ILE A 250 -35.90 -12.45 -36.01
CA ILE A 250 -34.92 -13.47 -36.34
C ILE A 250 -35.64 -14.84 -36.44
N LYS A 251 -36.54 -15.08 -35.49
CA LYS A 251 -37.24 -16.35 -35.43
C LYS A 251 -38.08 -16.53 -36.70
N SER A 252 -38.50 -15.43 -37.33
CA SER A 252 -39.32 -15.53 -38.55
C SER A 252 -38.52 -16.15 -39.71
N VAL A 253 -37.19 -16.04 -39.64
CA VAL A 253 -36.33 -16.57 -40.71
C VAL A 253 -35.37 -17.67 -40.25
N SER A 254 -35.32 -17.94 -38.94
CA SER A 254 -34.33 -18.89 -38.42
C SER A 254 -34.91 -19.75 -37.27
N LYS A 255 -34.40 -20.98 -37.14
CA LYS A 255 -34.78 -21.86 -36.02
C LYS A 255 -33.76 -21.80 -34.85
N LYS A 256 -32.63 -21.14 -35.12
CA LYS A 256 -31.50 -21.14 -34.21
C LYS A 256 -31.72 -20.33 -32.92
N PRO A 257 -30.93 -20.59 -31.87
CA PRO A 257 -31.16 -19.90 -30.59
C PRO A 257 -30.85 -18.41 -30.63
N VAL A 258 -31.66 -17.62 -29.93
CA VAL A 258 -31.50 -16.18 -29.89
C VAL A 258 -31.47 -15.72 -28.44
N GLY A 259 -30.36 -15.10 -28.06
CA GLY A 259 -30.24 -14.60 -26.71
C GLY A 259 -29.86 -13.13 -26.71
N ILE A 260 -29.30 -12.68 -25.60
CA ILE A 260 -28.86 -11.30 -25.45
C ILE A 260 -27.62 -11.27 -24.54
N ILE A 261 -26.78 -10.24 -24.69
CA ILE A 261 -25.59 -10.13 -23.88
C ILE A 261 -25.75 -8.88 -22.99
N TYR A 262 -25.42 -9.00 -21.71
CA TYR A 262 -25.73 -7.98 -20.71
C TYR A 262 -24.54 -7.69 -19.79
N ALA A 263 -24.39 -6.43 -19.35
CA ALA A 263 -23.29 -6.03 -18.50
C ALA A 263 -23.60 -6.34 -17.04
N ASN A 264 -22.78 -7.22 -16.48
CA ASN A 264 -23.03 -7.68 -15.09
C ASN A 264 -21.95 -7.23 -14.13
N SER A 265 -22.38 -7.00 -12.90
CA SER A 265 -21.49 -6.80 -11.79
C SER A 265 -22.00 -7.74 -10.68
N SER A 266 -21.08 -8.27 -9.87
CA SER A 266 -21.45 -9.02 -8.66
C SER A 266 -21.63 -8.07 -7.50
N PHE A 267 -22.85 -7.98 -6.97
CA PHE A 267 -23.12 -7.07 -5.88
C PHE A 267 -22.78 -7.77 -4.56
N GLN A 268 -21.93 -7.10 -3.79
CA GLN A 268 -21.35 -7.65 -2.56
C GLN A 268 -21.68 -6.72 -1.42
N PRO A 269 -22.03 -7.27 -0.25
CA PRO A 269 -22.40 -6.45 0.90
C PRO A 269 -21.17 -5.87 1.59
N LEU A 270 -21.18 -4.59 1.94
CA LEU A 270 -20.09 -3.99 2.69
C LEU A 270 -19.87 -4.73 4.04
N THR A 271 -20.96 -4.87 4.80
CA THR A 271 -20.96 -5.52 6.13
C THR A 271 -22.04 -6.60 6.06
N ASP A 272 -22.05 -7.51 7.05
CA ASP A 272 -23.07 -8.55 7.07
C ASP A 272 -24.53 -8.03 7.25
N LYS A 273 -24.68 -6.74 7.55
CA LYS A 273 -26.00 -6.11 7.65
C LYS A 273 -26.49 -5.52 6.31
N ASP A 274 -25.87 -5.91 5.20
CA ASP A 274 -26.14 -5.28 3.90
C ASP A 274 -26.68 -6.22 2.84
N MET A 275 -27.19 -7.36 3.26
CA MET A 275 -27.68 -8.37 2.33
C MET A 275 -28.90 -7.92 1.53
N GLU A 276 -29.79 -7.17 2.19
CA GLU A 276 -30.95 -6.60 1.54
C GLU A 276 -30.55 -5.58 0.46
N ALA A 277 -29.56 -4.74 0.79
CA ALA A 277 -28.99 -3.78 -0.14
C ALA A 277 -28.55 -4.50 -1.40
N VAL A 278 -27.93 -5.67 -1.25
CA VAL A 278 -27.49 -6.44 -2.39
C VAL A 278 -28.67 -6.83 -3.28
N GLU A 279 -29.72 -7.38 -2.66
CA GLU A 279 -30.95 -7.82 -3.34
C GLU A 279 -31.58 -6.68 -4.11
N MET A 280 -31.68 -5.51 -3.48
CA MET A 280 -32.24 -4.30 -4.12
C MET A 280 -31.41 -3.87 -5.32
N ALA A 281 -30.07 -3.92 -5.17
CA ALA A 281 -29.16 -3.66 -6.27
C ALA A 281 -29.30 -4.67 -7.42
N GLU A 282 -29.47 -5.95 -7.09
CA GLU A 282 -29.70 -6.96 -8.09
C GLU A 282 -31.04 -6.76 -8.85
N ASN A 283 -32.08 -6.36 -8.12
CA ASN A 283 -33.36 -5.98 -8.71
C ASN A 283 -33.18 -4.83 -9.71
N ASP A 284 -32.54 -3.75 -9.23
CA ASP A 284 -32.45 -2.48 -9.97
C ASP A 284 -31.49 -2.54 -11.15
N ASN A 285 -30.60 -3.53 -11.18
CA ASN A 285 -29.55 -3.56 -12.19
C ASN A 285 -29.61 -4.74 -13.11
N ARG A 286 -30.42 -5.75 -12.73
CA ARG A 286 -30.40 -7.00 -13.45
C ARG A 286 -31.78 -7.61 -13.63
N TRP A 287 -32.49 -7.86 -12.51
CA TRP A 287 -33.72 -8.63 -12.59
C TRP A 287 -34.85 -7.90 -13.32
N TRP A 288 -34.99 -6.59 -13.08
CA TRP A 288 -36.00 -5.78 -13.74
C TRP A 288 -35.90 -5.95 -15.28
N PHE A 289 -34.67 -5.96 -15.81
CA PHE A 289 -34.44 -6.14 -17.25
C PHE A 289 -34.83 -7.53 -17.74
N PHE A 290 -34.30 -8.56 -17.09
CA PHE A 290 -34.55 -9.91 -17.55
C PHE A 290 -35.95 -10.40 -17.25
N ASP A 291 -36.57 -9.89 -16.19
CA ASP A 291 -38.00 -10.16 -15.92
C ASP A 291 -38.91 -9.55 -17.03
N ALA A 292 -38.46 -8.48 -17.68
CA ALA A 292 -39.22 -7.91 -18.79
C ALA A 292 -39.18 -8.80 -20.03
N ILE A 293 -37.99 -9.22 -20.44
CA ILE A 293 -37.84 -9.95 -21.68
C ILE A 293 -38.04 -11.46 -21.57
N ILE A 294 -38.18 -11.96 -20.34
CA ILE A 294 -38.45 -13.38 -20.13
C ILE A 294 -39.88 -13.56 -19.61
N ARG A 295 -40.28 -12.72 -18.65
CA ARG A 295 -41.58 -12.90 -18.00
C ARG A 295 -42.56 -11.84 -18.44
N GLY A 296 -42.08 -10.95 -19.31
CA GLY A 296 -42.95 -9.92 -19.84
C GLY A 296 -43.31 -8.87 -18.82
N GLU A 297 -42.72 -8.93 -17.62
CA GLU A 297 -43.05 -7.95 -16.60
C GLU A 297 -42.29 -6.65 -16.76
N ILE A 298 -43.03 -5.54 -16.83
CA ILE A 298 -42.43 -4.22 -17.04
C ILE A 298 -43.26 -3.11 -16.39
N THR A 299 -42.62 -1.96 -16.21
CA THR A 299 -43.25 -0.75 -15.69
C THR A 299 -43.40 0.23 -16.85
N ARG A 300 -44.60 0.79 -17.01
CA ARG A 300 -44.87 1.76 -18.08
C ARG A 300 -45.42 3.09 -17.55
N GLU A 303 -47.18 2.50 -13.89
CA GLU A 303 -47.88 1.24 -13.57
C GLU A 303 -47.16 -0.06 -14.01
N LYS A 304 -47.39 -1.15 -13.27
CA LYS A 304 -46.66 -2.42 -13.44
C LYS A 304 -47.51 -3.48 -14.13
N ILE A 305 -47.12 -3.83 -15.36
CA ILE A 305 -47.94 -4.59 -16.29
C ILE A 305 -47.23 -5.84 -16.84
N VAL A 306 -48.01 -6.75 -17.44
CA VAL A 306 -47.45 -7.88 -18.16
C VAL A 306 -47.75 -7.67 -19.66
N ARG A 307 -46.70 -7.67 -20.48
CA ARG A 307 -46.87 -7.59 -21.92
C ARG A 307 -46.61 -8.93 -22.57
N ASP A 308 -47.64 -9.48 -23.22
CA ASP A 308 -47.52 -10.76 -23.91
C ASP A 308 -46.58 -10.69 -25.09
N ASP A 309 -46.40 -9.48 -25.62
CA ASP A 309 -45.45 -9.32 -26.71
C ASP A 309 -43.96 -9.36 -26.23
N LEU A 310 -43.74 -9.17 -24.92
CA LEU A 310 -42.37 -9.24 -24.34
C LEU A 310 -42.00 -10.62 -23.77
N LYS A 311 -43.00 -11.29 -23.18
CA LYS A 311 -42.87 -12.57 -22.51
C LYS A 311 -42.19 -13.63 -23.37
N GLY A 312 -41.19 -14.33 -22.80
CA GLY A 312 -40.54 -15.47 -23.44
C GLY A 312 -39.62 -15.20 -24.62
N ARG A 313 -39.19 -13.96 -24.78
CA ARG A 313 -38.31 -13.61 -25.91
C ARG A 313 -36.80 -13.79 -25.60
N LEU A 314 -36.40 -15.00 -25.19
CA LEU A 314 -35.01 -15.27 -24.80
C LEU A 314 -34.70 -16.74 -24.68
N ASP A 315 -33.69 -17.18 -25.42
CA ASP A 315 -33.27 -18.59 -25.38
C ASP A 315 -32.02 -18.81 -24.50
N TRP A 316 -31.18 -17.78 -24.37
CA TRP A 316 -29.91 -17.90 -23.63
C TRP A 316 -29.40 -16.53 -23.17
N ILE A 317 -28.53 -16.55 -22.16
CA ILE A 317 -28.06 -15.32 -21.55
C ILE A 317 -26.55 -15.25 -21.69
N GLY A 318 -26.07 -14.14 -22.26
CA GLY A 318 -24.65 -13.91 -22.36
C GLY A 318 -24.17 -13.08 -21.18
N VAL A 319 -23.25 -13.66 -20.40
CA VAL A 319 -22.82 -13.02 -19.15
C VAL A 319 -21.51 -12.31 -19.42
N ASN A 320 -21.55 -10.99 -19.34
CA ASN A 320 -20.35 -10.18 -19.43
C ASN A 320 -19.97 -9.84 -18.00
N TYR A 321 -18.75 -10.19 -17.59
CA TYR A 321 -18.33 -9.98 -16.21
C TYR A 321 -16.89 -9.48 -16.10
N TYR A 322 -16.69 -8.40 -15.36
CA TYR A 322 -15.34 -7.89 -15.07
C TYR A 322 -14.95 -7.82 -13.59
N THR A 323 -15.86 -7.41 -12.71
CA THR A 323 -15.53 -7.09 -11.32
C THR A 323 -16.81 -6.92 -10.52
N ARG A 324 -16.66 -6.61 -9.23
CA ARG A 324 -17.81 -6.54 -8.34
C ARG A 324 -18.29 -5.11 -8.13
N THR A 325 -19.41 -4.98 -7.43
CA THR A 325 -19.80 -3.71 -6.88
C THR A 325 -20.15 -3.92 -5.42
N VAL A 326 -19.57 -3.10 -4.54
CA VAL A 326 -19.84 -3.21 -3.11
C VAL A 326 -20.90 -2.21 -2.77
N VAL A 327 -21.93 -2.68 -2.06
CA VAL A 327 -23.08 -1.85 -1.70
C VAL A 327 -23.35 -1.82 -0.20
N LYS A 328 -23.95 -0.72 0.26
CA LYS A 328 -24.42 -0.62 1.64
C LYS A 328 -25.86 -0.05 1.72
N ARG A 329 -26.55 -0.36 2.81
CA ARG A 329 -27.93 0.13 3.07
C ARG A 329 -27.94 1.60 3.45
N THR A 330 -29.02 2.27 3.06
CA THR A 330 -29.25 3.68 3.38
C THR A 330 -30.68 3.77 3.93
N GLU A 331 -31.07 4.96 4.41
CA GLU A 331 -32.48 5.28 4.70
C GLU A 331 -33.28 5.16 3.40
N LYS A 332 -32.85 5.91 2.37
CA LYS A 332 -33.49 5.89 1.04
C LYS A 332 -33.51 4.52 0.31
N GLY A 333 -32.50 3.68 0.56
CA GLY A 333 -32.38 2.38 -0.09
C GLY A 333 -30.97 1.77 0.00
N TYR A 334 -30.18 1.92 -1.06
CA TYR A 334 -28.78 1.44 -1.05
C TYR A 334 -27.89 2.38 -1.88
N VAL A 335 -26.58 2.33 -1.63
CA VAL A 335 -25.59 3.07 -2.44
C VAL A 335 -24.39 2.17 -2.73
N SER A 336 -23.78 2.37 -3.88
CA SER A 336 -22.55 1.64 -4.20
C SER A 336 -21.35 2.45 -3.69
N LEU A 337 -20.28 1.74 -3.33
CA LEU A 337 -19.14 2.39 -2.69
C LEU A 337 -17.96 2.54 -3.63
N GLY A 338 -17.38 3.74 -3.65
CA GLY A 338 -16.13 4.02 -4.34
C GLY A 338 -14.96 3.28 -3.68
N GLY A 339 -13.89 3.01 -4.45
CA GLY A 339 -12.75 2.29 -3.86
C GLY A 339 -12.84 0.77 -3.88
N TYR A 340 -13.92 0.25 -4.49
CA TYR A 340 -14.07 -1.17 -4.79
C TYR A 340 -14.55 -1.32 -6.26
N GLY A 341 -14.44 -2.53 -6.81
CA GLY A 341 -15.06 -2.79 -8.10
C GLY A 341 -14.46 -1.92 -9.21
N HIS A 342 -15.32 -1.24 -9.98
CA HIS A 342 -14.82 -0.46 -11.13
C HIS A 342 -14.45 0.97 -10.74
N GLY A 343 -14.65 1.32 -9.48
CA GLY A 343 -14.37 2.65 -8.99
C GLY A 343 -13.09 2.74 -8.15
N CYS A 344 -12.05 2.06 -8.58
CA CYS A 344 -10.75 2.16 -7.88
C CYS A 344 -9.75 3.04 -8.65
N GLU A 345 -8.62 3.34 -8.01
CA GLU A 345 -7.51 3.98 -8.72
C GLU A 345 -6.84 2.99 -9.69
N ARG A 346 -6.31 3.49 -10.82
CA ARG A 346 -5.66 2.64 -11.79
C ARG A 346 -4.35 2.13 -11.24
N ASN A 347 -4.00 0.89 -11.57
CA ASN A 347 -2.73 0.31 -11.16
C ASN A 347 -2.44 0.53 -9.69
N SER A 348 -3.32 -0.01 -8.85
CA SER A 348 -3.20 0.24 -7.42
C SER A 348 -3.86 -0.94 -6.73
N VAL A 349 -4.50 -0.67 -5.60
CA VAL A 349 -5.10 -1.68 -4.78
C VAL A 349 -6.42 -1.10 -4.32
N SER A 350 -7.44 -1.95 -4.21
CA SER A 350 -8.74 -1.47 -3.73
C SER A 350 -8.69 -1.25 -2.23
N LEU A 351 -9.78 -0.70 -1.69
CA LEU A 351 -9.94 -0.59 -0.24
C LEU A 351 -9.90 -1.96 0.46
N ALA A 352 -10.15 -3.03 -0.27
CA ALA A 352 -9.96 -4.37 0.27
C ALA A 352 -8.56 -4.96 0.05
N GLY A 353 -7.63 -4.17 -0.48
CA GLY A 353 -6.29 -4.69 -0.72
C GLY A 353 -6.16 -5.59 -1.95
N LEU A 354 -7.17 -5.59 -2.83
CA LEU A 354 -7.09 -6.40 -4.04
C LEU A 354 -6.51 -5.54 -5.18
N PRO A 355 -5.68 -6.12 -6.05
CA PRO A 355 -5.00 -5.33 -7.10
C PRO A 355 -5.98 -4.80 -8.16
N THR A 356 -5.71 -3.62 -8.71
CA THR A 356 -6.59 -3.05 -9.73
C THR A 356 -5.92 -3.01 -11.10
N SER A 357 -6.73 -2.90 -12.17
CA SER A 357 -6.18 -3.06 -13.51
C SER A 357 -5.73 -1.71 -14.00
N ASP A 358 -5.28 -1.66 -15.25
CA ASP A 358 -4.98 -0.37 -15.92
C ASP A 358 -6.20 0.55 -15.98
N PHE A 359 -7.40 0.00 -15.78
CA PHE A 359 -8.66 0.74 -15.86
C PHE A 359 -9.17 1.07 -14.47
N GLY A 360 -8.50 0.56 -13.44
CA GLY A 360 -8.93 0.84 -12.07
C GLY A 360 -9.99 -0.14 -11.63
N TRP A 361 -10.01 -1.33 -12.22
CA TRP A 361 -11.02 -2.35 -11.88
C TRP A 361 -10.44 -3.41 -10.94
N GLU A 362 -11.18 -3.72 -9.89
CA GLU A 362 -10.73 -4.61 -8.83
C GLU A 362 -10.75 -6.10 -9.20
N PHE A 363 -9.75 -6.86 -8.78
CA PHE A 363 -9.64 -8.29 -9.07
C PHE A 363 -10.61 -9.03 -8.15
N PHE A 364 -11.64 -9.65 -8.72
CA PHE A 364 -12.67 -10.31 -7.91
C PHE A 364 -13.35 -11.46 -8.65
N PRO A 365 -12.62 -12.53 -8.91
CA PRO A 365 -13.16 -13.62 -9.72
C PRO A 365 -14.35 -14.36 -9.11
N GLU A 366 -14.50 -14.32 -7.78
CA GLU A 366 -15.59 -15.01 -7.14
C GLU A 366 -16.95 -14.47 -7.65
N GLY A 367 -16.97 -13.19 -8.01
CA GLY A 367 -18.20 -12.57 -8.51
C GLY A 367 -18.82 -13.25 -9.74
N LEU A 368 -17.99 -13.88 -10.57
CA LEU A 368 -18.47 -14.59 -11.76
C LEU A 368 -19.30 -15.81 -11.34
N TYR A 369 -18.79 -16.52 -10.32
CA TYR A 369 -19.55 -17.64 -9.76
C TYR A 369 -20.90 -17.12 -9.25
N ASP A 370 -20.88 -16.04 -8.48
CA ASP A 370 -22.10 -15.42 -8.00
C ASP A 370 -23.10 -15.16 -9.14
N VAL A 371 -22.62 -14.52 -10.21
CA VAL A 371 -23.51 -14.08 -11.27
C VAL A 371 -24.06 -15.25 -12.07
N LEU A 372 -23.22 -16.20 -12.43
CA LEU A 372 -23.66 -17.33 -13.20
C LEU A 372 -24.74 -18.14 -12.44
N THR A 373 -24.50 -18.39 -11.14
CA THR A 373 -25.41 -19.22 -10.36
C THR A 373 -26.70 -18.49 -10.04
N LYS A 374 -26.62 -17.19 -9.76
CA LYS A 374 -27.84 -16.40 -9.61
C LYS A 374 -28.77 -16.42 -10.85
N TYR A 375 -28.20 -16.21 -12.05
CA TYR A 375 -28.98 -16.27 -13.27
C TYR A 375 -29.59 -17.66 -13.41
N TRP A 376 -28.77 -18.69 -13.19
CA TRP A 376 -29.19 -20.08 -13.37
C TRP A 376 -30.39 -20.36 -12.49
N ASN A 377 -30.28 -19.97 -11.22
CA ASN A 377 -31.33 -20.22 -10.24
C ASN A 377 -32.62 -19.43 -10.47
N ARG A 378 -32.52 -18.28 -11.11
CA ARG A 378 -33.74 -17.50 -11.37
C ARG A 378 -34.51 -18.01 -12.60
N TYR A 379 -33.79 -18.32 -13.68
CA TYR A 379 -34.42 -18.48 -14.99
C TYR A 379 -34.16 -19.83 -15.62
N HIS A 380 -33.15 -20.55 -15.16
CA HIS A 380 -32.80 -21.82 -15.76
C HIS A 380 -32.60 -21.80 -17.28
N LEU A 381 -32.06 -20.68 -17.78
CA LEU A 381 -31.64 -20.60 -19.18
C LEU A 381 -30.12 -20.80 -19.27
N TYR A 382 -29.67 -21.57 -20.26
CA TYR A 382 -28.24 -21.77 -20.41
C TYR A 382 -27.50 -20.46 -20.75
N MET A 383 -26.24 -20.38 -20.34
CA MET A 383 -25.47 -19.17 -20.58
C MET A 383 -24.11 -19.42 -21.18
N TYR A 384 -23.53 -18.36 -21.74
CA TYR A 384 -22.15 -18.35 -22.18
C TYR A 384 -21.59 -17.21 -21.38
N VAL A 385 -20.30 -17.31 -21.02
CA VAL A 385 -19.64 -16.14 -20.47
C VAL A 385 -19.15 -15.39 -21.70
N THR A 386 -19.81 -14.31 -22.04
CA THR A 386 -19.53 -13.68 -23.34
C THR A 386 -18.43 -12.60 -23.31
N GLU A 387 -18.12 -12.08 -22.13
CA GLU A 387 -16.94 -11.24 -21.94
C GLU A 387 -16.39 -11.47 -20.55
N ASN A 388 -15.06 -11.50 -20.47
CA ASN A 388 -14.33 -11.47 -19.20
C ASN A 388 -12.90 -11.18 -19.56
N GLY A 389 -12.30 -10.18 -18.93
CA GLY A 389 -10.94 -9.82 -19.32
C GLY A 389 -10.44 -8.63 -18.53
N ILE A 390 -9.26 -8.11 -18.87
CA ILE A 390 -8.62 -7.10 -18.03
C ILE A 390 -7.77 -6.18 -18.88
N ALA A 391 -7.81 -4.92 -18.54
CA ALA A 391 -6.93 -3.91 -19.19
C ALA A 391 -5.53 -4.02 -18.56
N ASP A 392 -4.54 -4.46 -19.35
CA ASP A 392 -3.24 -4.86 -18.79
C ASP A 392 -2.23 -4.96 -19.93
N ASP A 393 -1.63 -3.84 -20.35
CA ASP A 393 -0.66 -3.84 -21.44
C ASP A 393 0.55 -4.71 -21.08
N ALA A 394 0.97 -4.66 -19.81
CA ALA A 394 2.22 -5.32 -19.37
C ALA A 394 2.07 -6.85 -19.28
N ASP A 395 0.84 -7.32 -19.21
CA ASP A 395 0.48 -8.72 -18.94
C ASP A 395 0.88 -9.21 -17.54
N TYR A 396 1.02 -8.31 -16.57
CA TYR A 396 1.36 -8.71 -15.20
C TYR A 396 0.26 -9.55 -14.55
N GLN A 397 -0.98 -9.08 -14.66
CA GLN A 397 -2.08 -9.66 -13.93
C GLN A 397 -2.91 -10.65 -14.72
N ARG A 398 -2.95 -10.47 -16.04
CA ARG A 398 -3.82 -11.27 -16.88
C ARG A 398 -3.69 -12.82 -16.72
N PRO A 399 -2.48 -13.39 -16.61
CA PRO A 399 -2.40 -14.84 -16.37
C PRO A 399 -3.25 -15.31 -15.18
N TYR A 400 -3.22 -14.57 -14.07
CA TYR A 400 -3.98 -14.86 -12.86
C TYR A 400 -5.46 -14.60 -13.14
N TYR A 401 -5.74 -13.47 -13.80
CA TYR A 401 -7.13 -13.07 -14.06
C TYR A 401 -7.82 -14.16 -14.91
N LEU A 402 -7.18 -14.58 -15.99
CA LEU A 402 -7.72 -15.61 -16.87
C LEU A 402 -7.96 -16.92 -16.12
N VAL A 403 -6.88 -17.44 -15.51
CA VAL A 403 -7.03 -18.74 -14.85
C VAL A 403 -8.05 -18.68 -13.76
N SER A 404 -8.04 -17.61 -12.96
CA SER A 404 -9.00 -17.54 -11.86
C SER A 404 -10.46 -17.51 -12.30
N HIS A 405 -10.75 -16.72 -13.32
CA HIS A 405 -12.15 -16.64 -13.78
C HIS A 405 -12.57 -17.92 -14.46
N VAL A 406 -11.66 -18.56 -15.20
CA VAL A 406 -12.02 -19.79 -15.88
C VAL A 406 -12.39 -20.82 -14.81
N TYR A 407 -11.60 -20.84 -13.73
CA TYR A 407 -11.89 -21.72 -12.59
C TYR A 407 -13.29 -21.49 -12.02
N GLN A 408 -13.68 -20.23 -11.82
CA GLN A 408 -15.02 -19.95 -11.31
C GLN A 408 -16.15 -20.43 -12.25
N VAL A 409 -15.89 -20.53 -13.54
CA VAL A 409 -16.88 -21.08 -14.47
C VAL A 409 -16.96 -22.60 -14.25
N HIS A 410 -15.82 -23.24 -14.00
CA HIS A 410 -15.79 -24.67 -13.68
C HIS A 410 -16.62 -24.90 -12.41
N ARG A 411 -16.46 -24.03 -11.42
CA ARG A 411 -17.22 -24.07 -10.18
C ARG A 411 -18.74 -23.95 -10.42
N ALA A 412 -19.14 -22.94 -11.21
CA ALA A 412 -20.55 -22.78 -11.56
C ALA A 412 -21.14 -24.03 -12.23
N ILE A 413 -20.42 -24.62 -13.19
CA ILE A 413 -20.93 -25.81 -13.84
C ILE A 413 -21.10 -26.94 -12.78
N ASN A 414 -20.03 -27.17 -12.04
CA ASN A 414 -20.06 -28.11 -10.92
C ASN A 414 -21.28 -27.99 -10.03
N SER A 415 -21.73 -26.77 -9.76
CA SER A 415 -22.90 -26.55 -8.95
C SER A 415 -24.23 -26.72 -9.69
N GLY A 416 -24.17 -27.14 -10.96
CA GLY A 416 -25.38 -27.38 -11.74
C GLY A 416 -25.75 -26.41 -12.87
N ALA A 417 -25.03 -25.29 -12.96
CA ALA A 417 -25.37 -24.25 -13.94
C ALA A 417 -24.97 -24.67 -15.34
N ASP A 418 -25.88 -24.44 -16.28
CA ASP A 418 -25.62 -24.75 -17.69
C ASP A 418 -24.85 -23.60 -18.36
N VAL A 419 -23.53 -23.76 -18.50
CA VAL A 419 -22.67 -22.72 -19.06
C VAL A 419 -21.91 -23.45 -20.11
N ARG A 420 -21.92 -22.93 -21.34
CA ARG A 420 -21.45 -23.71 -22.47
C ARG A 420 -20.23 -23.16 -23.14
N GLY A 421 -19.75 -22.02 -22.67
CA GLY A 421 -18.50 -21.50 -23.16
C GLY A 421 -17.98 -20.33 -22.36
N TYR A 422 -16.73 -19.99 -22.65
CA TYR A 422 -16.06 -18.86 -22.03
C TYR A 422 -15.33 -18.13 -23.17
N LEU A 423 -15.65 -16.84 -23.31
CA LEU A 423 -15.14 -16.03 -24.41
C LEU A 423 -14.43 -14.85 -23.76
N HIS A 424 -13.13 -14.80 -23.91
CA HIS A 424 -12.31 -13.77 -23.30
C HIS A 424 -12.50 -12.46 -24.05
N TRP A 425 -12.55 -11.36 -23.33
CA TRP A 425 -12.38 -10.07 -23.99
C TRP A 425 -10.94 -9.58 -23.81
N SER A 426 -10.14 -9.53 -24.87
CA SER A 426 -10.55 -9.92 -26.22
C SER A 426 -9.38 -10.66 -26.80
N LEU A 427 -9.49 -11.11 -28.06
CA LEU A 427 -8.37 -11.72 -28.72
C LEU A 427 -7.19 -10.78 -28.84
N ALA A 428 -7.45 -9.56 -29.32
CA ALA A 428 -6.39 -8.57 -29.51
C ALA A 428 -6.83 -7.24 -28.92
N ASP A 429 -5.86 -6.35 -28.72
CA ASP A 429 -6.11 -5.00 -28.25
C ASP A 429 -7.01 -4.31 -29.30
N ASN A 430 -7.77 -3.33 -28.85
CA ASN A 430 -8.69 -2.61 -29.73
C ASN A 430 -9.05 -1.24 -29.13
N TYR A 431 -9.93 -0.51 -29.85
CA TYR A 431 -10.28 0.87 -29.50
C TYR A 431 -11.28 0.87 -28.37
N GLU A 432 -10.86 1.29 -27.18
CA GLU A 432 -11.75 1.20 -26.01
C GLU A 432 -12.56 2.48 -25.85
N TRP A 433 -13.47 2.70 -26.80
CA TRP A 433 -14.48 3.74 -26.69
C TRP A 433 -13.89 5.10 -26.33
N ALA A 434 -14.47 5.77 -25.35
CA ALA A 434 -14.00 7.10 -24.95
C ALA A 434 -12.57 7.13 -24.42
N SER A 435 -12.07 5.98 -23.95
CA SER A 435 -10.70 5.86 -23.42
C SER A 435 -9.66 5.73 -24.53
N GLY A 436 -10.06 5.36 -25.74
CA GLY A 436 -9.08 5.24 -26.80
C GLY A 436 -8.25 3.96 -26.75
N PHE A 437 -7.11 4.00 -27.39
CA PHE A 437 -6.26 2.81 -27.47
C PHE A 437 -5.46 2.42 -26.18
N SER A 438 -5.36 3.32 -25.21
CA SER A 438 -4.49 3.08 -24.03
C SER A 438 -4.91 1.88 -23.15
N MET A 439 -6.18 1.50 -23.21
CA MET A 439 -6.69 0.38 -22.43
C MET A 439 -6.62 -0.88 -23.27
N ARG A 440 -5.67 -1.77 -22.95
CA ARG A 440 -5.36 -2.92 -23.79
C ARG A 440 -5.80 -4.23 -23.20
N PHE A 441 -6.82 -4.81 -23.80
CA PHE A 441 -7.48 -6.00 -23.24
C PHE A 441 -7.08 -7.28 -23.94
N GLY A 442 -6.17 -7.19 -24.89
CA GLY A 442 -5.88 -8.35 -25.73
C GLY A 442 -5.05 -9.49 -25.09
N LEU A 443 -5.42 -10.73 -25.38
CA LEU A 443 -4.49 -11.85 -25.28
C LEU A 443 -3.30 -11.56 -26.20
N LEU A 444 -3.60 -10.92 -27.33
CA LEU A 444 -2.55 -10.50 -28.26
C LEU A 444 -2.38 -8.99 -28.19
N LYS A 445 -1.13 -8.55 -28.17
CA LYS A 445 -0.79 -7.13 -28.15
C LYS A 445 -0.76 -6.66 -29.61
N VAL A 446 -1.33 -5.48 -29.83
CA VAL A 446 -1.32 -4.86 -31.18
C VAL A 446 -0.29 -3.75 -31.25
N ASP A 447 0.61 -3.79 -32.25
CA ASP A 447 1.42 -2.63 -32.57
C ASP A 447 0.59 -1.84 -33.60
N TYR A 448 0.09 -0.68 -33.19
CA TYR A 448 -0.84 0.08 -34.03
C TYR A 448 -0.18 0.73 -35.25
N ASN A 449 1.16 0.75 -35.26
CA ASN A 449 1.89 1.30 -36.40
C ASN A 449 1.95 0.29 -37.56
N THR A 450 2.24 -0.97 -37.25
CA THR A 450 2.37 -2.00 -38.27
C THR A 450 1.15 -2.92 -38.34
N LYS A 451 0.30 -2.87 -37.33
CA LYS A 451 -0.83 -3.80 -37.20
C LYS A 451 -0.41 -5.25 -36.87
N ARG A 452 0.87 -5.48 -36.55
CA ARG A 452 1.35 -6.81 -36.13
C ARG A 452 0.75 -7.19 -34.78
N LEU A 453 0.48 -8.49 -34.63
CA LEU A 453 -0.06 -9.06 -33.40
C LEU A 453 1.02 -9.86 -32.68
N TYR A 454 1.04 -9.77 -31.35
CA TYR A 454 2.10 -10.42 -30.56
C TYR A 454 1.39 -11.22 -29.47
N TRP A 455 1.91 -12.42 -29.16
CA TRP A 455 1.35 -13.27 -28.09
C TRP A 455 1.91 -12.81 -26.74
N ARG A 456 1.06 -12.26 -25.91
CA ARG A 456 1.44 -11.97 -24.52
C ARG A 456 1.52 -13.34 -23.86
N PRO A 457 2.30 -13.48 -22.81
CA PRO A 457 2.38 -14.79 -22.14
C PRO A 457 1.01 -15.35 -21.72
N SER A 458 0.05 -14.50 -21.34
CA SER A 458 -1.32 -14.99 -21.10
C SER A 458 -1.95 -15.75 -22.27
N ALA A 459 -1.56 -15.42 -23.48
CA ALA A 459 -2.09 -16.11 -24.66
C ALA A 459 -1.54 -17.56 -24.68
N LEU A 460 -0.27 -17.73 -24.31
CA LEU A 460 0.29 -19.09 -24.18
C LEU A 460 -0.42 -19.88 -23.10
N VAL A 461 -0.75 -19.21 -21.99
CA VAL A 461 -1.55 -19.81 -20.92
C VAL A 461 -2.94 -20.20 -21.44
N TYR A 462 -3.61 -19.29 -22.17
CA TYR A 462 -4.94 -19.60 -22.72
C TYR A 462 -4.85 -20.79 -23.67
N ARG A 463 -3.80 -20.87 -24.44
CA ARG A 463 -3.68 -21.98 -25.34
C ARG A 463 -3.60 -23.32 -24.57
N GLU A 464 -2.90 -23.31 -23.42
CA GLU A 464 -2.89 -24.51 -22.57
C GLU A 464 -4.27 -24.90 -22.16
N ILE A 465 -5.04 -23.92 -21.69
CA ILE A 465 -6.44 -24.17 -21.30
C ILE A 465 -7.27 -24.75 -22.43
N ALA A 466 -7.25 -24.06 -23.57
CA ALA A 466 -8.18 -24.37 -24.66
C ALA A 466 -7.85 -25.71 -25.30
N THR A 467 -6.56 -25.94 -25.61
CA THR A 467 -6.16 -27.21 -26.24
C THR A 467 -6.44 -28.42 -25.33
N ASN A 468 -6.39 -28.23 -24.02
CA ASN A 468 -6.64 -29.33 -23.09
C ASN A 468 -8.05 -29.42 -22.60
N GLY A 469 -8.82 -28.35 -22.79
CA GLY A 469 -10.20 -28.33 -22.30
C GLY A 469 -10.21 -28.37 -20.79
N ALA A 470 -9.18 -27.74 -20.22
CA ALA A 470 -8.94 -27.84 -18.77
C ALA A 470 -7.96 -26.80 -18.26
N ILE A 471 -8.11 -26.37 -17.03
CA ILE A 471 -6.96 -25.78 -16.35
C ILE A 471 -6.09 -26.98 -15.95
N THR A 472 -4.93 -27.12 -16.59
CA THR A 472 -4.05 -28.24 -16.34
C THR A 472 -3.36 -28.11 -14.98
N ASP A 473 -2.85 -29.23 -14.47
CA ASP A 473 -2.12 -29.19 -13.20
C ASP A 473 -0.98 -28.19 -13.23
N GLU A 474 -0.30 -28.07 -14.36
CA GLU A 474 0.85 -27.19 -14.44
C GLU A 474 0.63 -25.68 -14.30
N ILE A 475 -0.60 -25.20 -14.54
CA ILE A 475 -0.86 -23.75 -14.50
C ILE A 475 -1.88 -23.42 -13.42
N GLU A 476 -2.20 -24.41 -12.62
CA GLU A 476 -3.23 -24.29 -11.62
C GLU A 476 -2.90 -23.28 -10.54
N HIS A 477 -1.63 -22.99 -10.38
CA HIS A 477 -1.24 -22.06 -9.36
C HIS A 477 -1.72 -20.62 -9.69
N LEU A 478 -2.04 -20.40 -10.98
CA LEU A 478 -2.51 -19.08 -11.43
C LEU A 478 -3.93 -18.85 -10.97
N ASN A 479 -4.56 -19.88 -10.38
CA ASN A 479 -5.85 -19.66 -9.75
C ASN A 479 -5.69 -19.00 -8.40
N SER A 480 -5.22 -17.75 -8.44
CA SER A 480 -4.88 -17.00 -7.24
C SER A 480 -4.84 -15.49 -7.54
N VAL A 481 -4.69 -14.68 -6.51
CA VAL A 481 -4.66 -13.22 -6.65
C VAL A 481 -3.25 -12.80 -7.03
N PRO A 482 -3.08 -11.94 -8.05
CA PRO A 482 -1.72 -11.46 -8.38
C PRO A 482 -1.07 -10.90 -7.11
N PRO A 483 0.15 -11.29 -6.80
CA PRO A 483 0.82 -10.72 -5.63
C PRO A 483 0.87 -9.21 -5.67
N VAL A 484 0.40 -8.56 -4.60
CA VAL A 484 0.33 -7.09 -4.58
C VAL A 484 1.65 -6.44 -4.21
N LYS A 485 2.49 -7.13 -3.44
CA LYS A 485 3.74 -6.51 -3.00
C LYS A 485 4.62 -5.89 -4.12
N PRO A 486 4.87 -6.59 -5.24
CA PRO A 486 5.71 -6.00 -6.31
C PRO A 486 4.97 -5.03 -7.25
N LEU A 487 3.65 -4.88 -7.11
CA LEU A 487 2.87 -3.95 -7.97
C LEU A 487 2.72 -2.58 -7.33
N ARG A 488 2.31 -1.60 -8.12
CA ARG A 488 2.05 -0.29 -7.59
C ARG A 488 0.93 -0.30 -6.55
N HIS A 489 1.11 0.49 -5.49
CA HIS A 489 0.04 0.87 -4.56
C HIS A 489 -0.29 2.39 -4.73
N MET B 1 -6.95 20.58 25.45
CA MET B 1 -5.61 20.80 26.03
C MET B 1 -5.14 19.63 26.90
N TYR B 2 -3.84 19.35 26.84
CA TYR B 2 -3.22 18.35 27.70
C TYR B 2 -2.09 19.02 28.47
N SER B 3 -2.36 19.40 29.73
CA SER B 3 -1.44 20.20 30.53
C SER B 3 -0.60 19.31 31.40
N PHE B 4 0.69 19.65 31.52
CA PHE B 4 1.65 18.88 32.31
C PHE B 4 1.82 19.54 33.68
N PRO B 5 2.33 18.81 34.69
CA PRO B 5 2.59 19.44 35.99
C PRO B 5 3.55 20.60 35.82
N ASN B 6 3.48 21.58 36.71
CA ASN B 6 4.31 22.78 36.63
C ASN B 6 5.80 22.50 36.70
N SER B 7 6.17 21.40 37.32
CA SER B 7 7.57 21.01 37.49
C SER B 7 8.11 20.16 36.34
N PHE B 8 7.22 19.71 35.43
CA PHE B 8 7.59 18.86 34.29
C PHE B 8 8.46 19.66 33.32
N ARG B 9 9.53 19.07 32.83
CA ARG B 9 10.34 19.79 31.85
C ARG B 9 10.43 19.09 30.50
N PHE B 10 10.40 19.90 29.43
CA PHE B 10 10.62 19.42 28.07
C PHE B 10 12.02 19.83 27.65
N GLY B 11 12.72 18.92 26.97
CA GLY B 11 14.01 19.27 26.43
C GLY B 11 14.48 18.27 25.41
N TRP B 12 15.76 17.93 25.49
CA TRP B 12 16.37 17.08 24.47
C TRP B 12 17.57 16.30 25.00
N SER B 13 17.93 15.25 24.25
CA SER B 13 19.12 14.45 24.52
C SER B 13 20.05 14.47 23.31
N GLN B 14 21.35 14.32 23.58
CA GLN B 14 22.33 14.17 22.52
C GLN B 14 23.57 13.44 23.08
N ALA B 15 24.44 12.98 22.19
CA ALA B 15 25.59 12.16 22.59
C ALA B 15 26.83 12.89 22.12
N GLY B 16 27.94 12.73 22.86
CA GLY B 16 29.19 13.39 22.50
C GLY B 16 29.73 12.96 21.13
N PHE B 17 29.82 11.66 20.90
CA PHE B 17 30.40 11.17 19.64
C PHE B 17 29.54 11.54 18.44
N GLN B 18 28.22 11.60 18.67
CA GLN B 18 27.31 11.89 17.55
C GLN B 18 27.29 13.37 17.16
N SER B 19 27.44 14.24 18.15
CA SER B 19 27.23 15.70 17.89
C SER B 19 28.49 16.60 18.02
N GLU B 20 29.50 16.17 18.79
CA GLU B 20 30.59 17.11 19.16
C GLU B 20 31.44 17.50 17.95
N MET B 21 31.88 16.53 17.16
CA MET B 21 32.81 16.81 16.05
C MET B 21 32.17 17.50 14.85
N GLY B 22 33.01 18.16 14.05
CA GLY B 22 32.56 18.89 12.88
C GLY B 22 33.27 20.23 12.73
N THR B 23 33.58 20.87 13.86
CA THR B 23 34.32 22.15 13.84
C THR B 23 35.83 21.87 14.00
N PRO B 24 36.67 22.50 13.19
CA PRO B 24 38.12 22.29 13.42
C PRO B 24 38.51 22.51 14.88
N GLY B 25 39.36 21.59 15.35
CA GLY B 25 39.81 21.57 16.73
C GLY B 25 39.03 20.62 17.59
N SER B 26 38.02 19.97 17.04
CA SER B 26 37.12 19.16 17.90
C SER B 26 37.44 17.67 17.84
N GLU B 27 38.36 17.30 16.95
CA GLU B 27 38.59 15.92 16.56
C GLU B 27 39.05 15.08 17.74
N ASP B 28 38.37 13.96 17.99
CA ASP B 28 38.77 13.02 19.04
C ASP B 28 38.98 11.67 18.41
N PRO B 29 40.23 11.35 18.01
CA PRO B 29 40.54 10.09 17.33
C PRO B 29 40.74 8.94 18.30
N ASN B 30 40.58 9.18 19.58
CA ASN B 30 41.00 8.18 20.57
C ASN B 30 39.94 7.22 21.13
N THR B 31 38.97 6.84 20.31
CA THR B 31 37.95 5.86 20.77
C THR B 31 37.91 4.64 19.89
N ASP B 32 37.33 3.59 20.43
CA ASP B 32 37.05 2.42 19.61
C ASP B 32 36.13 2.74 18.45
N TRP B 33 35.08 3.52 18.70
CA TRP B 33 34.10 3.92 17.66
C TRP B 33 34.77 4.72 16.52
N TYR B 34 35.63 5.66 16.87
CA TYR B 34 36.36 6.40 15.80
C TYR B 34 37.15 5.43 14.92
N LYS B 35 37.93 4.54 15.55
CA LYS B 35 38.73 3.58 14.82
C LYS B 35 37.85 2.67 13.98
N TRP B 36 36.78 2.19 14.60
CA TRP B 36 35.80 1.33 13.95
C TRP B 36 35.21 1.92 12.65
N VAL B 37 34.81 3.20 12.66
CA VAL B 37 34.15 3.75 11.46
C VAL B 37 35.15 4.23 10.39
N HIS B 38 36.43 4.37 10.80
CA HIS B 38 37.52 4.61 9.86
C HIS B 38 38.14 3.34 9.28
N ASP B 39 37.74 2.17 9.76
CA ASP B 39 38.41 0.94 9.34
C ASP B 39 38.18 0.57 7.86
N PRO B 40 39.26 0.42 7.08
CA PRO B 40 39.11 0.03 5.67
C PRO B 40 38.27 -1.21 5.47
N GLU B 41 38.48 -2.24 6.29
CA GLU B 41 37.74 -3.48 6.08
C GLU B 41 36.25 -3.30 6.41
N ASN B 42 35.96 -2.61 7.51
CA ASN B 42 34.57 -2.35 7.86
C ASN B 42 33.85 -1.58 6.77
N MET B 43 34.56 -0.64 6.13
CA MET B 43 33.97 0.19 5.06
C MET B 43 33.68 -0.67 3.84
N ALA B 44 34.64 -1.50 3.46
CA ALA B 44 34.50 -2.38 2.30
C ALA B 44 33.36 -3.38 2.49
N ALA B 45 33.20 -3.84 3.72
CA ALA B 45 32.12 -4.78 4.07
C ALA B 45 30.73 -4.13 4.14
N GLY B 46 30.70 -2.80 4.19
CA GLY B 46 29.45 -2.07 4.40
C GLY B 46 28.92 -2.15 5.82
N LEU B 47 29.75 -2.59 6.77
CA LEU B 47 29.35 -2.62 8.19
C LEU B 47 29.22 -1.16 8.67
N VAL B 48 30.03 -0.25 8.12
CA VAL B 48 29.87 1.17 8.45
C VAL B 48 29.62 1.94 7.16
N SER B 49 28.98 3.09 7.26
CA SER B 49 28.48 3.79 6.05
C SER B 49 29.62 4.40 5.22
N GLY B 50 30.74 4.69 5.86
CA GLY B 50 31.80 5.42 5.17
C GLY B 50 31.77 6.89 5.53
N ASP B 51 30.67 7.37 6.12
CA ASP B 51 30.61 8.72 6.65
C ASP B 51 31.50 8.78 7.88
N LEU B 52 32.05 9.95 8.19
CA LEU B 52 32.99 10.07 9.30
C LEU B 52 32.55 11.14 10.24
N PRO B 53 32.66 10.90 11.55
CA PRO B 53 32.11 11.83 12.54
C PRO B 53 32.83 13.18 12.64
N GLU B 54 34.07 13.29 12.18
CA GLU B 54 34.77 14.59 12.16
C GLU B 54 34.11 15.58 11.17
N ASN B 55 33.22 15.09 10.31
CA ASN B 55 32.41 15.92 9.40
C ASN B 55 31.02 16.25 9.95
N GLY B 56 30.88 16.16 11.27
CA GLY B 56 29.61 16.29 11.97
C GLY B 56 29.06 17.69 12.19
N PRO B 57 28.08 17.80 13.10
CA PRO B 57 27.34 19.05 13.29
C PRO B 57 28.12 20.08 14.10
N GLY B 58 29.18 19.64 14.79
CA GLY B 58 30.11 20.58 15.43
C GLY B 58 29.63 21.23 16.72
N TYR B 59 28.99 20.46 17.60
CA TYR B 59 28.60 20.99 18.90
C TYR B 59 29.79 21.48 19.76
N TRP B 60 30.94 20.85 19.60
CA TRP B 60 32.17 21.26 20.31
C TRP B 60 32.45 22.76 20.13
N GLY B 61 32.45 23.23 18.89
CA GLY B 61 32.64 24.66 18.62
C GLY B 61 31.38 25.52 18.71
N ASN B 62 30.21 24.94 18.34
CA ASN B 62 29.02 25.74 18.10
C ASN B 62 27.93 25.60 19.16
N TYR B 63 28.29 25.07 20.32
CA TYR B 63 27.33 24.81 21.39
C TYR B 63 26.46 26.01 21.78
N LYS B 64 27.00 27.23 21.70
CA LYS B 64 26.23 28.43 22.07
C LYS B 64 24.99 28.60 21.20
N THR B 65 25.15 28.40 19.90
CA THR B 65 24.04 28.37 18.94
C THR B 65 23.02 27.26 19.26
N PHE B 66 23.51 26.05 19.59
CA PHE B 66 22.58 24.98 19.95
C PHE B 66 21.73 25.46 21.10
N HIS B 67 22.41 25.98 22.14
CA HIS B 67 21.74 26.42 23.36
C HIS B 67 20.81 27.60 23.13
N ASP B 68 21.19 28.51 22.24
CA ASP B 68 20.37 29.67 21.88
C ASP B 68 19.02 29.21 21.31
N ASN B 69 19.08 28.22 20.43
CA ASN B 69 17.92 27.67 19.79
C ASN B 69 17.04 26.91 20.75
N ALA B 70 17.68 26.15 21.65
CA ALA B 70 16.96 25.41 22.66
C ALA B 70 16.18 26.33 23.61
N GLN B 71 16.81 27.40 24.04
CA GLN B 71 16.16 28.45 24.81
C GLN B 71 15.00 29.09 24.04
N LYS B 72 15.23 29.49 22.79
CA LYS B 72 14.14 30.06 21.96
C LYS B 72 12.98 29.05 21.85
N MET B 73 13.30 27.76 21.89
CA MET B 73 12.30 26.70 21.75
C MET B 73 11.56 26.46 23.06
N GLY B 74 11.99 27.14 24.12
CA GLY B 74 11.32 27.03 25.41
C GLY B 74 11.73 25.78 26.20
N LEU B 75 12.83 25.16 25.81
CA LEU B 75 13.26 23.93 26.46
C LEU B 75 13.88 24.23 27.82
N LYS B 76 13.67 23.34 28.78
CA LYS B 76 14.13 23.60 30.14
C LYS B 76 14.99 22.45 30.72
N ILE B 77 15.34 21.45 29.91
CA ILE B 77 16.17 20.33 30.37
C ILE B 77 17.02 19.79 29.21
N ALA B 78 18.20 19.26 29.54
CA ALA B 78 19.10 18.70 28.55
C ALA B 78 19.85 17.55 29.17
N ARG B 79 19.97 16.46 28.42
CA ARG B 79 20.83 15.36 28.82
C ARG B 79 21.93 15.16 27.79
N LEU B 80 23.18 15.23 28.24
CA LEU B 80 24.37 15.08 27.40
C LEU B 80 25.35 14.18 28.15
N ASN B 81 26.42 13.79 27.46
CA ASN B 81 27.50 13.06 28.12
C ASN B 81 28.85 13.73 27.93
N VAL B 82 29.79 13.44 28.83
CA VAL B 82 31.20 13.69 28.59
C VAL B 82 31.78 12.48 27.87
N GLU B 83 32.72 12.71 26.95
CA GLU B 83 33.41 11.59 26.33
C GLU B 83 34.68 11.24 27.15
N TRP B 84 34.65 10.07 27.78
CA TRP B 84 35.79 9.46 28.53
C TRP B 84 37.13 9.67 27.81
N SER B 85 37.19 9.28 26.54
CA SER B 85 38.35 9.44 25.69
C SER B 85 38.93 10.84 25.66
N ARG B 86 38.10 11.86 25.80
CA ARG B 86 38.57 13.25 25.72
C ARG B 86 39.32 13.57 27.02
N ILE B 87 38.82 13.03 28.13
CA ILE B 87 39.35 13.37 29.45
C ILE B 87 40.61 12.54 29.76
N PHE B 88 40.58 11.25 29.39
CA PHE B 88 41.72 10.38 29.55
C PHE B 88 42.10 9.69 28.26
N PRO B 89 42.77 10.40 27.35
CA PRO B 89 43.14 9.81 26.04
C PRO B 89 44.31 8.80 26.13
N ASN B 90 45.14 8.93 27.17
CA ASN B 90 46.29 8.04 27.39
C ASN B 90 46.04 7.03 28.49
N PRO B 91 46.65 5.84 28.38
CA PRO B 91 46.47 4.77 29.37
C PRO B 91 46.86 5.15 30.82
N LEU B 92 46.09 4.64 31.79
CA LEU B 92 46.34 4.88 33.21
C LEU B 92 47.14 3.70 33.71
N PRO B 93 48.07 3.92 34.64
CA PRO B 93 48.82 2.80 35.21
C PRO B 93 47.85 1.78 35.79
N ARG B 94 48.17 0.51 35.55
CA ARG B 94 47.47 -0.63 36.14
C ARG B 94 47.47 -0.50 37.68
N PRO B 95 46.31 -0.75 38.29
CA PRO B 95 46.07 -0.43 39.72
C PRO B 95 46.69 -1.40 40.73
N PHE B 98 44.37 -5.33 42.70
CA PHE B 98 43.37 -5.67 41.69
C PHE B 98 43.74 -6.87 40.83
N ASP B 99 42.91 -7.91 40.91
CA ASP B 99 43.15 -9.15 40.17
C ASP B 99 42.18 -9.34 38.99
N GLU B 100 42.72 -9.23 37.77
CA GLU B 100 41.88 -9.21 36.55
C GLU B 100 41.13 -10.50 36.24
N SER B 101 41.48 -11.60 36.91
CA SER B 101 40.83 -12.88 36.65
C SER B 101 39.62 -13.16 37.55
N LYS B 102 39.39 -12.31 38.55
CA LYS B 102 38.19 -12.42 39.40
C LYS B 102 36.97 -11.94 38.58
N GLN B 103 35.89 -12.71 38.63
CA GLN B 103 34.66 -12.45 37.90
C GLN B 103 33.89 -11.25 38.41
N ASP B 104 33.80 -11.14 39.74
CA ASP B 104 33.04 -10.07 40.38
C ASP B 104 33.91 -8.89 40.72
N VAL B 105 33.32 -7.70 40.60
CA VAL B 105 33.92 -6.47 41.06
C VAL B 105 32.90 -5.88 42.02
N THR B 106 33.07 -6.18 43.31
CA THR B 106 32.09 -5.81 44.36
C THR B 106 32.36 -4.45 44.97
N GLU B 107 33.59 -3.96 44.83
CA GLU B 107 34.01 -2.71 45.45
C GLU B 107 35.13 -2.07 44.62
N VAL B 108 35.09 -0.76 44.48
CA VAL B 108 36.22 -0.02 43.96
C VAL B 108 36.44 1.15 44.91
N GLU B 109 37.60 1.14 45.55
CA GLU B 109 37.88 2.14 46.58
C GLU B 109 38.30 3.42 45.91
N ILE B 110 37.57 4.50 46.19
CA ILE B 110 37.89 5.81 45.63
C ILE B 110 37.91 6.80 46.78
N ASN B 111 38.95 7.61 46.89
CA ASN B 111 38.94 8.69 47.87
C ASN B 111 39.63 9.90 47.30
N GLU B 112 39.59 10.98 48.09
CA GLU B 112 40.22 12.26 47.80
C GLU B 112 41.59 12.13 47.15
N ASN B 113 42.46 11.32 47.74
CA ASN B 113 43.83 11.19 47.25
C ASN B 113 43.90 10.52 45.89
N GLU B 114 43.11 9.45 45.71
CA GLU B 114 43.03 8.74 44.44
C GLU B 114 42.48 9.65 43.33
N LEU B 115 41.50 10.49 43.67
CA LEU B 115 40.99 11.50 42.72
C LEU B 115 42.03 12.55 42.34
N LYS B 116 42.82 12.98 43.32
CA LYS B 116 43.89 13.95 43.04
C LYS B 116 44.96 13.35 42.13
N ARG B 117 45.19 12.04 42.26
CA ARG B 117 46.15 11.32 41.42
C ARG B 117 45.67 11.24 39.98
N LEU B 118 44.41 10.85 39.83
CA LEU B 118 43.74 10.77 38.54
C LEU B 118 43.80 12.14 37.88
N ASP B 119 43.56 13.15 38.70
CA ASP B 119 43.57 14.52 38.22
C ASP B 119 44.81 14.83 37.38
N GLU B 120 45.92 14.15 37.66
CA GLU B 120 47.21 14.46 37.03
C GLU B 120 47.33 13.80 35.66
N TYR B 121 46.44 12.87 35.37
CA TYR B 121 46.40 12.28 34.03
C TYR B 121 45.37 12.93 33.09
N ALA B 122 44.43 13.68 33.67
CA ALA B 122 43.26 14.22 32.92
C ALA B 122 43.66 15.30 31.93
N ASN B 123 43.01 15.34 30.78
CA ASN B 123 43.32 16.41 29.83
C ASN B 123 42.60 17.66 30.28
N LYS B 124 43.36 18.70 30.62
CA LYS B 124 42.76 19.91 31.20
C LYS B 124 42.05 20.83 30.18
N ASP B 125 42.53 20.84 28.94
CA ASP B 125 41.87 21.55 27.85
C ASP B 125 40.44 21.03 27.61
N ALA B 126 40.30 19.70 27.62
CA ALA B 126 38.99 19.01 27.48
C ALA B 126 38.08 19.27 28.68
N LEU B 127 38.64 19.16 29.88
CA LEU B 127 37.91 19.48 31.11
C LEU B 127 37.40 20.91 31.12
N ASN B 128 38.27 21.87 30.77
CA ASN B 128 37.85 23.28 30.78
C ASN B 128 36.79 23.58 29.69
N HIS B 129 36.93 22.94 28.53
CA HIS B 129 35.96 23.11 27.44
C HIS B 129 34.56 22.61 27.84
N TYR B 130 34.48 21.39 28.35
CA TYR B 130 33.22 20.89 28.93
C TYR B 130 32.64 21.82 29.98
N ARG B 131 33.49 22.32 30.87
CA ARG B 131 33.02 23.32 31.85
C ARG B 131 32.41 24.54 31.11
N GLU B 132 33.07 25.00 30.06
CA GLU B 132 32.54 26.14 29.30
C GLU B 132 31.18 25.79 28.65
N ILE B 133 31.05 24.56 28.13
CA ILE B 133 29.79 24.14 27.48
C ILE B 133 28.68 24.06 28.52
N PHE B 134 28.94 23.38 29.63
CA PHE B 134 27.94 23.19 30.68
C PHE B 134 27.54 24.48 31.39
N LYS B 135 28.46 25.43 31.52
CA LYS B 135 28.11 26.70 32.15
C LYS B 135 27.15 27.48 31.24
N ASP B 136 27.42 27.45 29.94
CA ASP B 136 26.55 28.11 28.98
C ASP B 136 25.17 27.44 28.97
N LEU B 137 25.17 26.11 29.10
CA LEU B 137 23.92 25.37 29.21
C LEU B 137 23.12 25.88 30.39
N LYS B 138 23.74 25.87 31.57
CA LYS B 138 23.08 26.32 32.79
C LYS B 138 22.57 27.76 32.72
N SER B 139 23.29 28.60 31.99
CA SER B 139 22.91 30.00 31.87
C SER B 139 21.66 30.20 31.03
N ARG B 140 21.29 29.23 30.22
CA ARG B 140 20.06 29.36 29.45
C ARG B 140 18.86 28.70 30.15
N GLY B 141 18.96 28.48 31.47
CA GLY B 141 17.88 27.94 32.27
C GLY B 141 17.64 26.45 32.12
N LEU B 142 18.59 25.73 31.53
CA LEU B 142 18.44 24.30 31.31
C LEU B 142 18.88 23.49 32.52
N TYR B 143 17.96 22.70 33.08
CA TYR B 143 18.24 21.66 34.05
C TYR B 143 19.13 20.62 33.35
N PHE B 144 20.12 20.08 34.06
CA PHE B 144 21.22 19.34 33.43
C PHE B 144 21.31 17.92 33.94
N ILE B 145 21.04 16.95 33.07
CA ILE B 145 21.31 15.54 33.37
C ILE B 145 22.63 15.16 32.72
N LEU B 146 23.61 14.82 33.55
CA LEU B 146 24.90 14.45 32.98
C LEU B 146 25.02 12.96 32.97
N ASN B 147 25.22 12.42 31.77
CA ASN B 147 25.45 11.01 31.51
C ASN B 147 26.94 10.74 31.40
N MET B 148 27.43 9.67 32.01
CA MET B 148 28.87 9.35 31.97
C MET B 148 29.35 8.64 30.70
N TYR B 149 28.47 7.92 30.02
CA TYR B 149 28.88 6.95 28.99
C TYR B 149 27.81 6.76 27.92
N HIS B 150 28.17 6.99 26.67
CA HIS B 150 27.23 6.82 25.55
C HIS B 150 27.97 6.16 24.37
N TRP B 151 28.69 5.08 24.73
CA TRP B 151 29.17 4.02 23.85
C TRP B 151 30.67 4.02 23.49
N PRO B 152 31.26 5.10 22.99
CA PRO B 152 32.70 5.03 22.71
C PRO B 152 33.52 4.84 23.99
N LEU B 153 34.50 3.95 23.91
CA LEU B 153 35.51 3.72 24.95
C LEU B 153 36.88 4.24 24.49
N PRO B 154 37.71 4.74 25.40
CA PRO B 154 39.10 5.09 25.04
C PRO B 154 39.72 3.89 24.35
N LEU B 155 40.49 4.15 23.31
CA LEU B 155 41.17 3.09 22.58
C LEU B 155 42.09 2.31 23.49
N TRP B 156 42.63 2.95 24.54
CA TRP B 156 43.53 2.24 25.45
C TRP B 156 42.78 1.18 26.28
N LEU B 157 41.43 1.22 26.26
CA LEU B 157 40.62 0.20 26.93
C LEU B 157 39.99 -0.79 25.97
N HIS B 158 39.89 -0.46 24.67
CA HIS B 158 39.29 -1.35 23.69
C HIS B 158 39.81 -1.08 22.30
N ASP B 159 40.48 -2.08 21.72
CA ASP B 159 40.85 -2.03 20.32
C ASP B 159 39.90 -2.97 19.63
N PRO B 160 38.88 -2.40 18.97
CA PRO B 160 37.79 -3.20 18.44
C PRO B 160 38.14 -4.03 17.24
N ILE B 161 39.14 -3.62 16.46
CA ILE B 161 39.49 -4.37 15.29
C ILE B 161 40.22 -5.67 15.66
N ARG B 162 41.11 -5.56 16.63
CA ARG B 162 41.76 -6.75 17.20
C ARG B 162 40.73 -7.80 17.63
N VAL B 163 39.75 -7.35 18.42
CA VAL B 163 38.69 -8.24 18.90
C VAL B 163 37.80 -8.79 17.74
N ARG B 164 37.43 -7.94 16.77
CA ARG B 164 36.69 -8.42 15.57
C ARG B 164 37.43 -9.57 14.92
N ARG B 165 38.75 -9.44 14.85
CA ARG B 165 39.61 -10.46 14.25
C ARG B 165 39.76 -11.73 15.08
N GLY B 166 39.18 -11.75 16.28
CA GLY B 166 39.22 -12.96 17.10
C GLY B 166 40.44 -13.00 18.02
N ASP B 167 41.11 -11.87 18.18
CA ASP B 167 42.28 -11.77 19.03
C ASP B 167 41.92 -11.13 20.37
N PHE B 168 42.03 -11.94 21.44
CA PHE B 168 41.64 -11.48 22.76
C PHE B 168 42.79 -11.09 23.71
N THR B 169 43.99 -10.91 23.15
CA THR B 169 45.19 -10.56 23.95
C THR B 169 45.36 -9.04 24.21
N GLY B 170 44.53 -8.21 23.56
CA GLY B 170 44.64 -6.77 23.70
C GLY B 170 43.57 -6.17 24.62
N PRO B 171 43.42 -4.85 24.59
CA PRO B 171 42.36 -4.17 25.35
C PRO B 171 40.97 -4.57 24.82
N SER B 172 40.16 -5.15 25.69
CA SER B 172 39.00 -5.91 25.25
C SER B 172 37.64 -5.30 25.64
N GLY B 173 37.66 -4.00 25.98
CA GLY B 173 36.46 -3.26 26.29
C GLY B 173 35.67 -3.87 27.43
N TRP B 174 34.36 -4.01 27.24
CA TRP B 174 33.50 -4.58 28.29
C TRP B 174 33.72 -6.06 28.57
N LEU B 175 34.60 -6.69 27.83
CA LEU B 175 34.94 -8.06 28.16
C LEU B 175 35.95 -8.15 29.34
N SER B 176 36.51 -7.03 29.77
CA SER B 176 37.56 -7.03 30.81
C SER B 176 37.08 -6.28 32.05
N THR B 177 37.27 -6.86 33.26
CA THR B 177 37.01 -6.13 34.52
C THR B 177 37.89 -4.87 34.68
N ARG B 178 38.99 -4.74 33.96
CA ARG B 178 39.76 -3.49 34.00
C ARG B 178 38.91 -2.27 33.54
N THR B 179 38.06 -2.48 32.55
CA THR B 179 37.17 -1.43 32.09
C THR B 179 36.17 -1.10 33.17
N VAL B 180 35.68 -2.13 33.89
CA VAL B 180 34.73 -1.89 34.97
C VAL B 180 35.38 -1.00 36.02
N TYR B 181 36.61 -1.34 36.40
CA TYR B 181 37.35 -0.65 37.44
C TYR B 181 37.57 0.80 37.05
N GLU B 182 38.08 1.03 35.83
CA GLU B 182 38.37 2.38 35.38
C GLU B 182 37.09 3.20 35.19
N PHE B 183 35.98 2.53 34.82
CA PHE B 183 34.72 3.26 34.60
C PHE B 183 34.20 3.85 35.90
N ALA B 184 34.19 3.03 36.95
CA ALA B 184 33.86 3.50 38.32
C ALA B 184 34.67 4.73 38.72
N ARG B 185 35.97 4.68 38.46
CA ARG B 185 36.85 5.80 38.79
C ARG B 185 36.59 7.03 37.93
N PHE B 186 36.45 6.83 36.61
CA PHE B 186 36.08 7.92 35.71
C PHE B 186 34.81 8.62 36.18
N SER B 187 33.79 7.85 36.54
CA SER B 187 32.51 8.44 36.89
C SER B 187 32.56 9.23 38.20
N ALA B 188 33.26 8.69 39.22
CA ALA B 188 33.48 9.42 40.46
C ALA B 188 34.26 10.69 40.15
N TYR B 189 35.25 10.58 39.28
CA TYR B 189 36.08 11.73 38.94
C TYR B 189 35.29 12.88 38.27
N ILE B 190 34.39 12.53 37.35
CA ILE B 190 33.61 13.55 36.63
C ILE B 190 32.66 14.21 37.60
N ALA B 191 31.97 13.42 38.43
CA ALA B 191 31.09 14.03 39.40
C ALA B 191 31.89 14.99 40.28
N TRP B 192 33.10 14.57 40.62
CA TRP B 192 33.98 15.35 41.49
C TRP B 192 34.29 16.69 40.83
N LYS B 193 34.56 16.66 39.54
CA LYS B 193 34.85 17.89 38.82
C LYS B 193 33.61 18.75 38.49
N PHE B 194 32.46 18.14 38.25
CA PHE B 194 31.33 18.89 37.68
C PHE B 194 30.05 19.01 38.53
N ASP B 195 30.08 18.46 39.75
CA ASP B 195 28.90 18.43 40.61
C ASP B 195 28.24 19.80 40.83
N ASP B 196 29.02 20.88 40.81
CA ASP B 196 28.45 22.23 40.94
C ASP B 196 27.52 22.62 39.78
N LEU B 197 27.69 21.97 38.63
CA LEU B 197 26.91 22.27 37.43
C LEU B 197 25.78 21.28 37.18
N VAL B 198 25.88 20.08 37.76
CA VAL B 198 25.00 18.97 37.42
C VAL B 198 23.75 18.93 38.29
N ASP B 199 22.61 18.57 37.71
CA ASP B 199 21.38 18.42 38.50
C ASP B 199 21.10 16.98 38.84
N GLU B 200 21.20 16.09 37.85
CA GLU B 200 21.07 14.63 38.07
C GLU B 200 22.09 13.88 37.19
N TYR B 201 22.40 12.64 37.57
CA TYR B 201 23.40 11.85 36.87
C TYR B 201 22.78 10.63 36.22
N SER B 202 23.34 10.27 35.08
CA SER B 202 23.12 8.95 34.56
C SER B 202 24.46 8.30 34.43
N THR B 203 24.54 7.01 34.74
CA THR B 203 25.83 6.33 34.56
C THR B 203 26.10 6.06 33.11
N MET B 204 25.07 5.58 32.40
CA MET B 204 25.28 5.09 31.05
C MET B 204 24.02 5.12 30.20
N ASN B 205 24.25 5.15 28.89
CA ASN B 205 23.17 5.09 27.92
C ASN B 205 23.05 3.72 27.28
N GLU B 206 21.91 3.06 27.45
CA GLU B 206 21.59 1.81 26.73
C GLU B 206 22.70 0.74 26.71
N PRO B 207 23.09 0.25 27.89
CA PRO B 207 24.09 -0.82 27.96
C PRO B 207 23.63 -2.08 27.24
N ASN B 208 22.31 -2.31 27.19
CA ASN B 208 21.76 -3.48 26.47
C ASN B 208 22.09 -3.47 24.97
N VAL B 209 22.20 -2.28 24.40
CA VAL B 209 22.54 -2.17 22.99
C VAL B 209 24.04 -2.41 22.76
N VAL B 210 24.86 -1.86 23.66
CA VAL B 210 26.31 -2.08 23.59
C VAL B 210 26.63 -3.56 23.51
N GLY B 211 26.07 -4.34 24.43
CA GLY B 211 26.37 -5.77 24.46
C GLY B 211 25.66 -6.56 23.39
N GLY B 212 24.44 -6.11 23.06
CA GLY B 212 23.57 -6.82 22.17
C GLY B 212 23.98 -6.66 20.71
N LEU B 213 24.22 -5.43 20.26
CA LEU B 213 24.68 -5.22 18.88
C LEU B 213 26.18 -5.50 18.71
N GLY B 214 26.96 -5.20 19.72
CA GLY B 214 28.39 -5.54 19.73
C GLY B 214 28.74 -7.00 19.52
N TYR B 215 27.96 -7.91 20.07
CA TYR B 215 28.35 -9.32 20.12
C TYR B 215 27.28 -10.28 19.59
N VAL B 216 26.10 -9.76 19.24
CA VAL B 216 25.09 -10.62 18.60
C VAL B 216 24.54 -10.04 17.27
N GLY B 217 23.98 -8.83 17.34
CA GLY B 217 23.44 -8.17 16.13
C GLY B 217 24.57 -7.61 15.29
N VAL B 218 25.47 -8.47 14.79
CA VAL B 218 26.69 -8.02 14.15
C VAL B 218 26.50 -7.37 12.77
N LYS B 219 25.35 -7.57 12.17
CA LYS B 219 25.03 -6.88 10.93
C LYS B 219 24.81 -5.38 11.17
N SER B 220 24.58 -4.97 12.42
CA SER B 220 24.43 -3.57 12.73
C SER B 220 25.71 -2.74 12.62
N GLY B 221 26.88 -3.40 12.50
CA GLY B 221 28.16 -2.72 12.46
C GLY B 221 28.50 -1.97 13.74
N PHE B 222 28.23 -2.58 14.89
CA PHE B 222 28.60 -1.96 16.17
C PHE B 222 29.91 -2.65 16.60
N PRO B 223 30.87 -1.92 17.17
CA PRO B 223 32.11 -2.56 17.62
C PRO B 223 31.87 -3.46 18.84
N PRO B 224 32.63 -4.53 19.01
CA PRO B 224 33.66 -4.95 18.05
C PRO B 224 33.15 -5.94 17.01
N GLY B 225 31.83 -6.18 16.94
CA GLY B 225 31.27 -7.04 15.93
C GLY B 225 31.80 -8.47 15.92
N TYR B 226 31.95 -9.00 17.14
CA TYR B 226 32.38 -10.39 17.31
C TYR B 226 31.19 -11.22 17.78
N LEU B 227 30.75 -12.14 16.94
CA LEU B 227 29.49 -12.83 17.14
C LEU B 227 29.70 -13.93 18.20
N SER B 228 29.12 -13.75 19.37
CA SER B 228 29.25 -14.72 20.46
C SER B 228 28.20 -14.50 21.53
N PHE B 229 27.33 -15.50 21.71
CA PHE B 229 26.33 -15.44 22.78
C PHE B 229 27.06 -15.33 24.13
N GLU B 230 28.09 -16.15 24.30
CA GLU B 230 28.85 -16.20 25.56
C GLU B 230 29.52 -14.88 25.85
N LEU B 231 30.20 -14.29 24.88
CA LEU B 231 30.82 -13.00 25.14
C LEU B 231 29.82 -11.86 25.33
N SER B 232 28.66 -11.98 24.70
CA SER B 232 27.58 -11.03 24.94
C SER B 232 27.12 -11.04 26.41
N ARG B 233 26.94 -12.24 26.96
CA ARG B 233 26.63 -12.38 28.39
C ARG B 233 27.71 -11.78 29.28
N ARG B 234 28.97 -12.11 28.97
CA ARG B 234 30.09 -11.58 29.75
C ARG B 234 30.14 -10.05 29.70
N ALA B 235 29.97 -9.48 28.51
CA ALA B 235 29.92 -8.00 28.39
C ALA B 235 28.82 -7.41 29.24
N MET B 236 27.65 -8.04 29.23
CA MET B 236 26.51 -7.49 29.96
C MET B 236 26.74 -7.61 31.47
N TYR B 237 27.30 -8.75 31.88
CA TYR B 237 27.64 -8.95 33.29
C TYR B 237 28.57 -7.85 33.79
N ASN B 238 29.61 -7.55 33.01
CA ASN B 238 30.56 -6.50 33.38
C ASN B 238 29.96 -5.11 33.44
N ILE B 239 29.13 -4.79 32.44
CA ILE B 239 28.54 -3.46 32.39
C ILE B 239 27.53 -3.25 33.53
N ILE B 240 26.84 -4.33 33.93
CA ILE B 240 25.97 -4.23 35.10
C ILE B 240 26.80 -3.85 36.34
N GLN B 241 27.87 -4.57 36.60
CA GLN B 241 28.68 -4.24 37.78
C GLN B 241 29.34 -2.90 37.62
N ALA B 242 29.64 -2.49 36.37
CA ALA B 242 30.22 -1.17 36.19
C ALA B 242 29.18 -0.14 36.54
N HIS B 243 27.91 -0.40 36.21
CA HIS B 243 26.90 0.57 36.61
C HIS B 243 26.93 0.74 38.13
N ALA B 244 26.87 -0.39 38.85
CA ALA B 244 26.82 -0.37 40.32
C ALA B 244 28.04 0.33 40.94
N ARG B 245 29.23 -0.01 40.49
CA ARG B 245 30.46 0.63 41.00
C ARG B 245 30.49 2.13 40.64
N ALA B 246 29.99 2.48 39.46
CA ALA B 246 29.84 3.91 39.13
C ALA B 246 28.84 4.62 40.04
N TYR B 247 27.73 3.96 40.38
CA TYR B 247 26.77 4.58 41.28
C TYR B 247 27.47 4.89 42.63
N ASP B 248 28.22 3.94 43.16
CA ASP B 248 28.87 4.11 44.48
C ASP B 248 29.91 5.17 44.41
N GLY B 249 30.65 5.20 43.29
CA GLY B 249 31.67 6.20 43.02
C GLY B 249 31.14 7.61 42.99
N ILE B 250 30.05 7.83 42.24
CA ILE B 250 29.41 9.14 42.22
C ILE B 250 28.89 9.54 43.61
N LYS B 251 28.19 8.62 44.27
CA LYS B 251 27.62 8.90 45.58
C LYS B 251 28.69 9.21 46.66
N SER B 252 29.91 8.74 46.45
CA SER B 252 30.99 9.09 47.35
C SER B 252 31.38 10.59 47.27
N VAL B 253 31.03 11.25 46.16
CA VAL B 253 31.36 12.66 45.98
C VAL B 253 30.11 13.55 45.82
N SER B 254 28.92 12.96 45.76
CA SER B 254 27.71 13.74 45.50
C SER B 254 26.48 13.17 46.19
N LYS B 255 25.55 14.04 46.55
CA LYS B 255 24.26 13.58 47.10
C LYS B 255 23.16 13.56 46.02
N LYS B 256 23.48 14.03 44.81
CA LYS B 256 22.52 14.15 43.70
C LYS B 256 22.01 12.80 43.13
N PRO B 257 20.82 12.78 42.53
CA PRO B 257 20.23 11.53 42.03
C PRO B 257 21.08 10.86 40.93
N VAL B 258 21.24 9.54 41.01
CA VAL B 258 21.99 8.75 40.04
C VAL B 258 21.07 7.71 39.42
N GLY B 259 20.94 7.78 38.09
CA GLY B 259 20.13 6.82 37.37
C GLY B 259 20.85 6.11 36.23
N ILE B 260 20.06 5.56 35.31
CA ILE B 260 20.57 4.87 34.13
C ILE B 260 19.56 5.04 32.99
N ILE B 261 20.08 5.11 31.76
CA ILE B 261 19.24 5.25 30.58
C ILE B 261 19.31 3.95 29.78
N TYR B 262 18.15 3.42 29.39
CA TYR B 262 18.06 2.07 28.81
C TYR B 262 17.19 2.01 27.54
N ALA B 263 17.50 1.09 26.61
CA ALA B 263 16.77 0.98 25.35
C ALA B 263 15.55 0.11 25.54
N ASN B 264 14.39 0.70 25.36
CA ASN B 264 13.15 -0.06 25.52
C ASN B 264 12.40 -0.22 24.24
N SER B 265 11.66 -1.31 24.19
CA SER B 265 10.66 -1.53 23.16
C SER B 265 9.37 -1.94 23.87
N SER B 266 8.22 -1.66 23.29
CA SER B 266 6.96 -2.14 23.84
C SER B 266 6.63 -3.45 23.17
N PHE B 267 6.63 -4.51 23.97
CA PHE B 267 6.40 -5.84 23.47
C PHE B 267 4.89 -6.04 23.39
N GLN B 268 4.43 -6.43 22.18
CA GLN B 268 3.03 -6.55 21.83
C GLN B 268 2.74 -7.92 21.25
N PRO B 269 1.59 -8.51 21.60
CA PRO B 269 1.27 -9.86 21.14
C PRO B 269 0.74 -9.89 19.70
N LEU B 270 1.22 -10.84 18.88
CA LEU B 270 0.70 -10.99 17.53
C LEU B 270 -0.81 -11.30 17.56
N THR B 271 -1.21 -12.30 18.34
CA THR B 271 -2.62 -12.71 18.53
C THR B 271 -2.93 -12.66 20.02
N ASP B 272 -4.21 -12.73 20.40
CA ASP B 272 -4.58 -12.77 21.83
C ASP B 272 -4.01 -13.97 22.61
N LYS B 273 -3.51 -14.97 21.89
CA LYS B 273 -2.88 -16.14 22.49
C LYS B 273 -1.35 -15.97 22.72
N ASP B 274 -0.86 -14.73 22.71
CA ASP B 274 0.58 -14.50 22.81
C ASP B 274 1.01 -13.64 24.00
N MET B 275 0.16 -13.55 25.02
CA MET B 275 0.41 -12.71 26.18
C MET B 275 1.58 -13.18 27.04
N GLU B 276 1.74 -14.50 27.13
CA GLU B 276 2.85 -15.10 27.85
C GLU B 276 4.16 -14.82 27.10
N ALA B 277 4.12 -14.88 25.76
CA ALA B 277 5.29 -14.52 24.96
C ALA B 277 5.75 -13.09 25.28
N VAL B 278 4.79 -12.17 25.46
CA VAL B 278 5.11 -10.78 25.80
C VAL B 278 5.86 -10.71 27.14
N GLU B 279 5.35 -11.43 28.14
CA GLU B 279 5.95 -11.46 29.47
C GLU B 279 7.37 -12.04 29.47
N MET B 280 7.56 -13.15 28.77
CA MET B 280 8.91 -13.68 28.53
C MET B 280 9.85 -12.70 27.84
N ALA B 281 9.34 -12.03 26.79
CA ALA B 281 10.10 -10.97 26.14
C ALA B 281 10.48 -9.82 27.10
N GLU B 282 9.55 -9.39 27.95
CA GLU B 282 9.83 -8.34 28.91
C GLU B 282 10.88 -8.78 29.98
N ASN B 283 10.79 -10.04 30.42
CA ASN B 283 11.80 -10.64 31.29
C ASN B 283 13.19 -10.61 30.65
N ASP B 284 13.26 -11.14 29.43
CA ASP B 284 14.53 -11.31 28.74
C ASP B 284 15.16 -10.00 28.30
N ASN B 285 14.36 -8.95 28.17
CA ASN B 285 14.90 -7.70 27.60
C ASN B 285 14.95 -6.52 28.56
N ARG B 286 14.29 -6.65 29.71
CA ARG B 286 14.10 -5.50 30.59
C ARG B 286 14.23 -5.85 32.09
N TRP B 287 13.37 -6.73 32.56
CA TRP B 287 13.30 -7.03 33.99
C TRP B 287 14.58 -7.66 34.54
N TRP B 288 15.17 -8.61 33.81
CA TRP B 288 16.40 -9.26 34.25
C TRP B 288 17.43 -8.22 34.58
N PHE B 289 17.55 -7.18 33.74
CA PHE B 289 18.57 -6.15 33.92
C PHE B 289 18.26 -5.25 35.12
N PHE B 290 17.03 -4.76 35.19
CA PHE B 290 16.67 -3.85 36.26
C PHE B 290 16.55 -4.53 37.61
N ASP B 291 16.15 -5.80 37.59
CA ASP B 291 16.10 -6.60 38.83
C ASP B 291 17.49 -6.80 39.39
N ALA B 292 18.52 -6.78 38.53
CA ALA B 292 19.90 -6.86 38.98
C ALA B 292 20.33 -5.59 39.71
N ILE B 293 20.14 -4.45 39.08
CA ILE B 293 20.67 -3.22 39.67
C ILE B 293 19.75 -2.61 40.73
N ILE B 294 18.50 -3.06 40.80
CA ILE B 294 17.57 -2.54 41.80
C ILE B 294 17.44 -3.54 42.95
N ARG B 295 17.22 -4.82 42.63
CA ARG B 295 16.98 -5.82 43.65
C ARG B 295 18.20 -6.72 43.87
N GLY B 296 19.29 -6.45 43.14
CA GLY B 296 20.51 -7.25 43.24
C GLY B 296 20.40 -8.69 42.76
N GLU B 297 19.29 -9.04 42.12
CA GLU B 297 19.04 -10.39 41.60
C GLU B 297 19.71 -10.63 40.24
N ILE B 298 20.59 -11.63 40.17
CA ILE B 298 21.34 -11.89 38.97
C ILE B 298 21.62 -13.38 38.84
N THR B 299 21.99 -13.80 37.63
CA THR B 299 22.46 -15.15 37.40
C THR B 299 23.96 -15.14 37.02
N ARG B 300 24.71 -16.08 37.59
CA ARG B 300 26.17 -16.07 37.43
C ARG B 300 26.72 -17.45 37.05
N LYS B 304 21.53 -18.61 40.30
CA LYS B 304 20.70 -17.42 40.50
C LYS B 304 20.74 -16.86 41.94
N ILE B 305 21.53 -15.81 42.17
CA ILE B 305 21.74 -15.24 43.53
C ILE B 305 21.34 -13.78 43.76
N VAL B 306 21.54 -13.33 44.99
CA VAL B 306 21.39 -11.92 45.35
C VAL B 306 22.75 -11.33 45.72
N ARG B 307 23.14 -10.25 45.04
CA ARG B 307 24.40 -9.60 45.31
C ARG B 307 24.13 -8.28 46.03
N ASP B 308 24.63 -8.17 47.27
CA ASP B 308 24.37 -7.00 48.09
C ASP B 308 25.09 -5.78 47.55
N ASP B 309 26.17 -5.99 46.80
CA ASP B 309 26.85 -4.87 46.17
C ASP B 309 26.09 -4.34 44.90
N LEU B 310 25.06 -5.06 44.46
CA LEU B 310 24.25 -4.66 43.29
C LEU B 310 22.94 -4.03 43.70
N LYS B 311 22.38 -4.53 44.79
CA LYS B 311 21.09 -4.11 45.29
C LYS B 311 20.98 -2.61 45.52
N GLY B 312 19.86 -2.02 45.08
CA GLY B 312 19.52 -0.62 45.36
C GLY B 312 20.40 0.45 44.71
N ARG B 313 21.12 0.09 43.66
CA ARG B 313 22.00 1.07 42.99
C ARG B 313 21.27 1.84 41.85
N LEU B 314 20.15 2.49 42.17
CA LEU B 314 19.37 3.25 41.18
C LEU B 314 18.36 4.17 41.83
N ASP B 315 18.41 5.44 41.46
CA ASP B 315 17.46 6.43 41.94
C ASP B 315 16.36 6.74 40.93
N TRP B 316 16.68 6.59 39.65
CA TRP B 316 15.71 6.92 38.60
C TRP B 316 15.97 6.15 37.29
N ILE B 317 14.95 6.09 36.43
CA ILE B 317 15.03 5.29 35.21
C ILE B 317 14.82 6.19 34.02
N GLY B 318 15.80 6.20 33.11
CA GLY B 318 15.64 6.91 31.86
C GLY B 318 15.07 5.98 30.79
N VAL B 319 13.90 6.33 30.27
CA VAL B 319 13.24 5.51 29.28
C VAL B 319 13.53 6.06 27.87
N ASN B 320 14.26 5.30 27.09
CA ASN B 320 14.42 5.59 25.68
C ASN B 320 13.38 4.73 24.96
N TYR B 321 12.56 5.34 24.13
CA TYR B 321 11.53 4.59 23.43
C TYR B 321 11.38 5.12 22.01
N TYR B 322 11.32 4.22 21.04
CA TYR B 322 11.04 4.58 19.62
C TYR B 322 9.82 3.88 18.99
N THR B 323 9.65 2.59 19.29
CA THR B 323 8.66 1.77 18.59
C THR B 323 8.44 0.48 19.36
N ARG B 324 7.59 -0.39 18.84
CA ARG B 324 7.22 -1.63 19.50
C ARG B 324 8.01 -2.81 18.94
N THR B 325 7.82 -3.97 19.55
CA THR B 325 8.28 -5.22 18.99
C THR B 325 7.11 -6.19 19.12
N VAL B 326 6.73 -6.84 18.03
CA VAL B 326 5.63 -7.79 18.05
C VAL B 326 6.20 -9.19 18.23
N VAL B 327 5.66 -9.94 19.18
CA VAL B 327 6.16 -11.29 19.44
C VAL B 327 5.07 -12.36 19.37
N LYS B 328 5.49 -13.59 19.06
CA LYS B 328 4.60 -14.75 19.12
C LYS B 328 5.20 -15.92 19.96
N ARG B 329 4.32 -16.75 20.52
CA ARG B 329 4.76 -17.97 21.22
C ARG B 329 5.29 -19.01 20.24
N THR B 330 6.35 -19.71 20.64
CA THR B 330 6.83 -20.90 19.93
C THR B 330 6.90 -22.07 20.91
N GLU B 331 7.31 -23.24 20.41
CA GLU B 331 7.63 -24.42 21.24
C GLU B 331 8.72 -24.07 22.26
N LYS B 332 9.86 -23.62 21.72
CA LYS B 332 11.04 -23.25 22.50
C LYS B 332 10.86 -22.02 23.40
N GLY B 333 9.94 -21.13 23.03
CA GLY B 333 9.70 -19.91 23.78
C GLY B 333 8.89 -18.88 23.00
N TYR B 334 9.59 -17.88 22.47
CA TYR B 334 8.94 -16.80 21.73
C TYR B 334 9.90 -16.28 20.66
N VAL B 335 9.34 -15.69 19.61
CA VAL B 335 10.13 -14.99 18.59
C VAL B 335 9.53 -13.62 18.28
N SER B 336 10.40 -12.69 17.88
CA SER B 336 9.98 -11.38 17.39
C SER B 336 9.65 -11.47 15.91
N LEU B 337 8.71 -10.64 15.43
CA LEU B 337 8.29 -10.72 14.04
C LEU B 337 8.81 -9.55 13.19
N GLY B 338 9.41 -9.86 12.06
CA GLY B 338 9.76 -8.88 11.04
C GLY B 338 8.49 -8.27 10.44
N GLY B 339 8.60 -7.07 9.88
CA GLY B 339 7.44 -6.38 9.35
C GLY B 339 6.70 -5.50 10.34
N TYR B 340 7.19 -5.46 11.59
CA TYR B 340 6.68 -4.60 12.62
C TYR B 340 7.85 -3.95 13.37
N GLY B 341 7.56 -2.91 14.16
CA GLY B 341 8.54 -2.28 15.01
C GLY B 341 9.73 -1.75 14.27
N HIS B 342 10.93 -2.15 14.72
CA HIS B 342 12.14 -1.67 14.06
C HIS B 342 12.54 -2.47 12.84
N GLY B 343 11.82 -3.54 12.55
CA GLY B 343 12.15 -4.38 11.41
C GLY B 343 11.27 -4.21 10.17
N CYS B 344 10.96 -2.96 9.80
CA CYS B 344 10.15 -2.71 8.61
C CYS B 344 10.95 -2.13 7.45
N GLU B 345 10.31 -2.05 6.31
CA GLU B 345 10.92 -1.36 5.18
C GLU B 345 10.95 0.12 5.50
N ARG B 346 11.99 0.82 5.04
CA ARG B 346 12.11 2.25 5.19
C ARG B 346 11.06 2.98 4.35
N ASN B 347 10.48 4.07 4.90
CA ASN B 347 9.53 4.91 4.17
C ASN B 347 8.46 4.07 3.51
N SER B 348 7.73 3.36 4.33
CA SER B 348 6.72 2.48 3.79
C SER B 348 5.66 2.34 4.87
N VAL B 349 5.02 1.17 4.94
CA VAL B 349 4.07 0.87 6.04
C VAL B 349 4.42 -0.49 6.61
N SER B 350 4.09 -0.71 7.87
CA SER B 350 4.31 -1.99 8.49
C SER B 350 3.25 -3.02 8.02
N LEU B 351 3.40 -4.26 8.51
CA LEU B 351 2.37 -5.27 8.27
C LEU B 351 1.01 -4.88 8.87
N ALA B 352 0.99 -3.95 9.83
CA ALA B 352 -0.25 -3.43 10.40
C ALA B 352 -0.79 -2.18 9.69
N GLY B 353 -0.11 -1.72 8.64
CA GLY B 353 -0.59 -0.54 7.92
C GLY B 353 -0.15 0.78 8.51
N LEU B 354 0.76 0.75 9.47
CA LEU B 354 1.24 1.96 10.13
C LEU B 354 2.49 2.48 9.40
N PRO B 355 2.63 3.80 9.29
CA PRO B 355 3.76 4.37 8.54
C PRO B 355 5.10 4.09 9.20
N THR B 356 6.16 3.94 8.40
CA THR B 356 7.48 3.73 8.95
C THR B 356 8.40 4.92 8.62
N SER B 357 9.47 5.06 9.39
CA SER B 357 10.34 6.24 9.34
C SER B 357 11.41 6.04 8.25
N ASP B 358 12.33 7.02 8.09
CA ASP B 358 13.46 6.90 7.18
C ASP B 358 14.35 5.71 7.55
N PHE B 359 14.22 5.24 8.79
CA PHE B 359 14.99 4.13 9.36
C PHE B 359 14.20 2.78 9.33
N GLY B 360 12.95 2.81 8.87
CA GLY B 360 12.11 1.62 8.85
C GLY B 360 11.49 1.30 10.21
N TRP B 361 11.27 2.30 11.07
CA TRP B 361 10.65 2.01 12.38
C TRP B 361 9.18 2.41 12.37
N GLU B 362 8.32 1.49 12.83
CA GLU B 362 6.86 1.67 12.85
C GLU B 362 6.38 2.72 13.87
N PHE B 363 5.39 3.51 13.47
CA PHE B 363 4.74 4.52 14.33
C PHE B 363 3.86 3.79 15.35
N PHE B 364 4.20 3.89 16.65
CA PHE B 364 3.43 3.16 17.66
C PHE B 364 3.54 3.86 18.99
N PRO B 365 2.93 5.03 19.13
CA PRO B 365 3.10 5.82 20.35
C PRO B 365 2.47 5.19 21.59
N GLU B 366 1.50 4.30 21.45
CA GLU B 366 0.88 3.61 22.62
C GLU B 366 1.92 2.88 23.44
N GLY B 367 2.90 2.31 22.73
CA GLY B 367 4.00 1.61 23.37
C GLY B 367 4.70 2.38 24.49
N LEU B 368 4.72 3.70 24.39
CA LEU B 368 5.41 4.50 25.39
C LEU B 368 4.61 4.47 26.72
N TYR B 369 3.29 4.49 26.59
CA TYR B 369 2.41 4.43 27.76
C TYR B 369 2.61 3.08 28.41
N ASP B 370 2.65 2.05 27.57
CA ASP B 370 2.88 0.70 28.07
C ASP B 370 4.23 0.64 28.87
N VAL B 371 5.29 1.20 28.30
CA VAL B 371 6.62 1.05 28.90
C VAL B 371 6.71 1.86 30.20
N LEU B 372 6.20 3.07 30.20
CA LEU B 372 6.23 3.93 31.38
C LEU B 372 5.46 3.32 32.57
N THR B 373 4.26 2.81 32.29
CA THR B 373 3.40 2.28 33.35
C THR B 373 3.89 0.92 33.85
N LYS B 374 4.41 0.07 32.97
CA LYS B 374 5.05 -1.17 33.43
C LYS B 374 6.22 -0.93 34.38
N TYR B 375 7.11 0.01 34.06
CA TYR B 375 8.24 0.31 34.91
C TYR B 375 7.71 0.81 36.26
N TRP B 376 6.76 1.73 36.19
CA TRP B 376 6.25 2.39 37.39
C TRP B 376 5.63 1.34 38.31
N ASN B 377 4.82 0.46 37.74
CA ASN B 377 4.17 -0.58 38.52
C ASN B 377 5.12 -1.63 39.12
N ARG B 378 6.29 -1.82 38.53
CA ARG B 378 7.19 -2.85 39.07
C ARG B 378 8.12 -2.28 40.14
N TYR B 379 8.59 -1.05 39.93
CA TYR B 379 9.65 -0.50 40.77
C TYR B 379 9.32 0.77 41.52
N HIS B 380 8.30 1.52 41.06
CA HIS B 380 7.96 2.81 41.67
C HIS B 380 9.13 3.75 41.80
N LEU B 381 10.01 3.75 40.79
CA LEU B 381 11.05 4.76 40.69
C LEU B 381 10.61 5.80 39.67
N TYR B 382 10.93 7.07 39.91
CA TYR B 382 10.54 8.12 38.98
C TYR B 382 11.35 7.99 37.68
N MET B 383 10.77 8.49 36.59
CA MET B 383 11.35 8.34 35.25
C MET B 383 11.43 9.65 34.52
N TYR B 384 12.33 9.68 33.54
CA TYR B 384 12.35 10.70 32.51
C TYR B 384 12.23 9.97 31.19
N VAL B 385 11.56 10.56 30.20
CA VAL B 385 11.66 9.98 28.85
C VAL B 385 12.92 10.60 28.31
N THR B 386 13.99 9.80 28.30
CA THR B 386 15.29 10.35 27.93
C THR B 386 15.55 10.33 26.42
N GLU B 387 14.78 9.54 25.65
CA GLU B 387 14.86 9.63 24.18
C GLU B 387 13.55 9.22 23.58
N ASN B 388 13.17 9.91 22.50
CA ASN B 388 12.02 9.59 21.70
C ASN B 388 12.15 10.51 20.49
N GLY B 389 12.08 9.95 19.30
CA GLY B 389 12.20 10.76 18.10
C GLY B 389 12.10 9.89 16.88
N ILE B 390 12.42 10.44 15.73
CA ILE B 390 12.16 9.76 14.48
C ILE B 390 13.16 10.24 13.44
N ALA B 391 13.65 9.31 12.63
CA ALA B 391 14.48 9.66 11.48
C ALA B 391 13.57 10.16 10.37
N ASP B 392 13.66 11.45 10.04
CA ASP B 392 12.67 12.08 9.14
C ASP B 392 13.23 13.40 8.63
N ASP B 393 14.07 13.34 7.59
CA ASP B 393 14.70 14.57 7.04
C ASP B 393 13.63 15.55 6.51
N ALA B 394 12.59 15.01 5.88
CA ALA B 394 11.53 15.82 5.24
C ALA B 394 10.59 16.56 6.24
N ASP B 395 10.51 16.04 7.46
CA ASP B 395 9.61 16.47 8.55
C ASP B 395 8.13 16.08 8.31
N TYR B 396 7.89 15.05 7.48
CA TYR B 396 6.53 14.68 7.13
C TYR B 396 5.82 14.10 8.36
N GLN B 397 6.49 13.18 9.06
CA GLN B 397 5.86 12.45 10.18
C GLN B 397 6.09 13.03 11.57
N ARG B 398 7.21 13.72 11.74
CA ARG B 398 7.65 14.23 13.06
C ARG B 398 6.61 15.04 13.86
N PRO B 399 5.88 15.99 13.24
CA PRO B 399 4.84 16.69 14.01
C PRO B 399 3.86 15.72 14.69
N TYR B 400 3.41 14.70 13.99
CA TYR B 400 2.48 13.69 14.52
C TYR B 400 3.22 12.85 15.56
N TYR B 401 4.49 12.50 15.24
CA TYR B 401 5.24 11.61 16.11
C TYR B 401 5.44 12.33 17.49
N LEU B 402 5.88 13.57 17.42
CA LEU B 402 6.13 14.37 18.60
C LEU B 402 4.86 14.53 19.45
N VAL B 403 3.80 15.06 18.85
CA VAL B 403 2.58 15.28 19.65
C VAL B 403 2.00 13.99 20.20
N SER B 404 1.93 12.95 19.38
CA SER B 404 1.40 11.67 19.84
C SER B 404 2.18 11.09 21.03
N HIS B 405 3.51 11.16 21.00
CA HIS B 405 4.27 10.56 22.10
C HIS B 405 4.17 11.39 23.39
N VAL B 406 4.13 12.71 23.23
CA VAL B 406 4.00 13.61 24.36
C VAL B 406 2.65 13.34 25.03
N TYR B 407 1.60 13.12 24.22
CA TYR B 407 0.29 12.74 24.74
C TYR B 407 0.33 11.45 25.58
N GLN B 408 1.03 10.43 25.09
CA GLN B 408 1.17 9.20 25.85
C GLN B 408 1.89 9.42 27.20
N VAL B 409 2.86 10.32 27.24
CA VAL B 409 3.47 10.69 28.53
C VAL B 409 2.43 11.32 29.50
N HIS B 410 1.61 12.22 28.98
CA HIS B 410 0.48 12.79 29.73
C HIS B 410 -0.44 11.68 30.25
N ARG B 411 -0.73 10.69 29.39
CA ARG B 411 -1.54 9.53 29.79
C ARG B 411 -0.90 8.79 30.96
N ALA B 412 0.42 8.60 30.87
CA ALA B 412 1.14 7.85 31.89
C ALA B 412 1.04 8.57 33.23
N ILE B 413 1.27 9.88 33.22
CA ILE B 413 1.23 10.68 34.43
C ILE B 413 -0.19 10.61 35.02
N ASN B 414 -1.20 10.75 34.15
CA ASN B 414 -2.62 10.67 34.55
C ASN B 414 -2.96 9.38 35.27
N SER B 415 -2.33 8.29 34.86
CA SER B 415 -2.58 7.01 35.50
C SER B 415 -1.78 6.77 36.81
N GLY B 416 -0.93 7.75 37.18
CA GLY B 416 -0.20 7.72 38.44
C GLY B 416 1.31 7.63 38.36
N ALA B 417 1.86 7.36 37.17
CA ALA B 417 3.31 7.23 37.00
C ALA B 417 4.03 8.55 37.18
N ASP B 418 5.15 8.49 37.91
CA ASP B 418 5.96 9.65 38.18
C ASP B 418 7.00 9.85 37.04
N VAL B 419 6.62 10.69 36.07
CA VAL B 419 7.45 11.03 34.92
C VAL B 419 7.66 12.51 34.98
N ARG B 420 8.91 12.94 34.91
CA ARG B 420 9.31 14.29 35.28
C ARG B 420 9.81 15.10 34.11
N GLY B 421 9.96 14.46 32.95
CA GLY B 421 10.36 15.23 31.78
C GLY B 421 10.30 14.40 30.52
N TYR B 422 10.39 15.08 29.38
CA TYR B 422 10.39 14.45 28.07
C TYR B 422 11.55 15.11 27.30
N LEU B 423 12.50 14.31 26.88
CA LEU B 423 13.66 14.79 26.15
C LEU B 423 13.65 14.14 24.77
N HIS B 424 13.43 14.96 23.76
CA HIS B 424 13.33 14.49 22.40
C HIS B 424 14.71 14.09 21.90
N TRP B 425 14.77 13.02 21.13
CA TRP B 425 16.00 12.76 20.36
C TRP B 425 15.80 13.21 18.90
N SER B 426 16.45 14.28 18.45
CA SER B 426 17.39 15.10 19.22
C SER B 426 17.16 16.54 18.81
N LEU B 427 17.93 17.47 19.39
CA LEU B 427 17.76 18.87 19.05
C LEU B 427 18.13 19.12 17.58
N ALA B 428 19.25 18.57 17.16
CA ALA B 428 19.71 18.74 15.78
C ALA B 428 20.13 17.39 15.20
N ASP B 429 20.18 17.29 13.85
CA ASP B 429 20.73 16.11 13.19
C ASP B 429 22.13 15.84 13.71
N ASN B 430 22.49 14.55 13.70
CA ASN B 430 23.81 14.14 14.12
C ASN B 430 24.25 12.83 13.46
N TYR B 431 25.44 12.33 13.84
CA TYR B 431 26.06 11.18 13.20
C TYR B 431 25.41 9.94 13.76
N GLU B 432 24.63 9.22 12.95
CA GLU B 432 23.89 8.04 13.45
C GLU B 432 24.71 6.75 13.34
N TRP B 433 25.80 6.69 14.10
CA TRP B 433 26.58 5.45 14.26
C TRP B 433 26.97 4.81 12.93
N ALA B 434 26.70 3.51 12.79
CA ALA B 434 27.06 2.80 11.58
C ALA B 434 26.32 3.31 10.31
N SER B 435 25.15 3.91 10.49
CA SER B 435 24.34 4.49 9.42
C SER B 435 24.84 5.84 8.89
N GLY B 436 25.68 6.53 9.66
CA GLY B 436 26.20 7.80 9.19
C GLY B 436 25.21 8.93 9.29
N PHE B 437 25.38 9.94 8.43
CA PHE B 437 24.55 11.13 8.52
C PHE B 437 23.16 11.07 7.90
N SER B 438 22.86 10.02 7.13
CA SER B 438 21.61 10.02 6.35
C SER B 438 20.36 9.94 7.23
N MET B 439 20.49 9.37 8.44
CA MET B 439 19.38 9.30 9.40
C MET B 439 19.32 10.57 10.26
N ARG B 440 18.32 11.41 9.99
CA ARG B 440 18.29 12.76 10.52
C ARG B 440 17.15 12.85 11.55
N PHE B 441 17.51 12.93 12.82
CA PHE B 441 16.54 12.91 13.93
C PHE B 441 16.26 14.29 14.52
N GLY B 442 16.87 15.34 14.01
CA GLY B 442 16.77 16.65 14.64
C GLY B 442 15.40 17.36 14.51
N LEU B 443 15.01 18.02 15.59
CA LEU B 443 14.00 19.08 15.47
C LEU B 443 14.58 20.18 14.56
N LEU B 444 15.91 20.32 14.60
CA LEU B 444 16.64 21.26 13.72
C LEU B 444 17.44 20.50 12.66
N LYS B 445 17.33 20.97 11.42
CA LYS B 445 18.04 20.36 10.33
C LYS B 445 19.44 20.95 10.33
N VAL B 446 20.44 20.12 10.06
CA VAL B 446 21.84 20.57 9.93
C VAL B 446 22.30 20.56 8.48
N ASP B 447 22.82 21.70 8.00
CA ASP B 447 23.53 21.73 6.74
C ASP B 447 24.99 21.39 7.11
N TYR B 448 25.44 20.19 6.75
CA TYR B 448 26.77 19.77 7.18
C TYR B 448 27.94 20.52 6.47
N ASN B 449 27.65 21.16 5.34
CA ASN B 449 28.64 21.98 4.66
C ASN B 449 28.99 23.24 5.47
N THR B 450 27.98 23.87 6.11
CA THR B 450 28.19 25.16 6.77
C THR B 450 27.98 25.03 8.28
N LYS B 451 27.44 23.89 8.72
CA LYS B 451 27.02 23.69 10.13
C LYS B 451 25.87 24.60 10.61
N ARG B 452 25.17 25.23 9.67
CA ARG B 452 24.01 26.04 10.01
C ARG B 452 22.86 25.15 10.47
N LEU B 453 22.09 25.62 11.44
CA LEU B 453 20.88 24.92 11.90
C LEU B 453 19.61 25.59 11.38
N TYR B 454 18.61 24.77 11.04
CA TYR B 454 17.32 25.27 10.54
C TYR B 454 16.19 24.65 11.34
N TRP B 455 15.12 25.42 11.55
CA TRP B 455 13.95 24.96 12.30
C TRP B 455 13.04 24.22 11.33
N ARG B 456 12.98 22.91 11.44
CA ARG B 456 11.90 22.15 10.78
C ARG B 456 10.59 22.58 11.46
N PRO B 457 9.47 22.52 10.75
CA PRO B 457 8.16 22.86 11.36
C PRO B 457 7.88 22.13 12.69
N SER B 458 8.33 20.89 12.86
CA SER B 458 8.19 20.23 14.16
C SER B 458 8.82 20.98 15.32
N ALA B 459 9.90 21.73 15.05
CA ALA B 459 10.53 22.58 16.07
C ALA B 459 9.58 23.69 16.51
N LEU B 460 8.87 24.29 15.55
CA LEU B 460 7.86 25.28 15.88
C LEU B 460 6.73 24.64 16.73
N VAL B 461 6.36 23.41 16.40
CA VAL B 461 5.34 22.67 17.14
C VAL B 461 5.85 22.37 18.57
N TYR B 462 7.12 21.97 18.68
CA TYR B 462 7.69 21.67 20.01
C TYR B 462 7.78 22.96 20.84
N ARG B 463 8.10 24.08 20.21
CA ARG B 463 8.09 25.35 20.91
C ARG B 463 6.71 25.63 21.55
N GLU B 464 5.64 25.30 20.82
CA GLU B 464 4.28 25.49 21.32
C GLU B 464 4.09 24.68 22.58
N ILE B 465 4.51 23.43 22.53
CA ILE B 465 4.34 22.52 23.66
C ILE B 465 5.15 22.99 24.85
N ALA B 466 6.42 23.29 24.61
CA ALA B 466 7.34 23.56 25.71
C ALA B 466 7.02 24.91 26.42
N THR B 467 6.80 25.96 25.64
CA THR B 467 6.48 27.29 26.14
C THR B 467 5.17 27.29 26.93
N ASN B 468 4.18 26.50 26.49
CA ASN B 468 2.92 26.38 27.21
C ASN B 468 2.85 25.31 28.27
N GLY B 469 3.81 24.40 28.30
CA GLY B 469 3.73 23.30 29.24
C GLY B 469 2.54 22.38 28.98
N ALA B 470 2.16 22.30 27.71
CA ALA B 470 0.97 21.56 27.31
C ALA B 470 0.92 21.27 25.80
N ILE B 471 0.20 20.21 25.42
CA ILE B 471 -0.28 20.12 24.05
C ILE B 471 -1.43 21.09 24.00
N THR B 472 -1.28 22.18 23.25
CA THR B 472 -2.33 23.20 23.20
C THR B 472 -3.52 22.73 22.35
N ASP B 473 -4.66 23.37 22.54
CA ASP B 473 -5.86 23.09 21.75
C ASP B 473 -5.57 23.14 20.26
N GLU B 474 -4.80 24.10 19.85
CA GLU B 474 -4.57 24.29 18.42
C GLU B 474 -3.76 23.20 17.68
N ILE B 475 -2.96 22.41 18.41
CA ILE B 475 -2.11 21.38 17.75
C ILE B 475 -2.55 19.99 18.16
N GLU B 476 -3.69 19.92 18.79
CA GLU B 476 -4.16 18.66 19.37
C GLU B 476 -4.52 17.62 18.30
N HIS B 477 -4.77 18.09 17.08
CA HIS B 477 -5.07 17.16 15.99
C HIS B 477 -3.85 16.30 15.64
N LEU B 478 -2.66 16.76 16.03
CA LEU B 478 -1.40 16.05 15.65
C LEU B 478 -1.22 14.83 16.52
N ASN B 479 -2.12 14.64 17.50
CA ASN B 479 -2.13 13.41 18.28
C ASN B 479 -2.87 12.35 17.49
N SER B 480 -2.27 11.94 16.36
CA SER B 480 -2.89 10.97 15.43
C SER B 480 -1.78 10.35 14.57
N VAL B 481 -2.12 9.31 13.81
CA VAL B 481 -1.18 8.66 12.89
C VAL B 481 -1.01 9.50 11.62
N PRO B 482 0.23 9.74 11.16
CA PRO B 482 0.40 10.44 9.87
C PRO B 482 -0.42 9.72 8.78
N PRO B 483 -1.17 10.46 7.98
CA PRO B 483 -1.97 9.81 6.93
C PRO B 483 -1.04 9.06 5.98
N VAL B 484 -1.32 7.77 5.81
CA VAL B 484 -0.47 6.96 4.95
C VAL B 484 -0.75 7.11 3.47
N LYS B 485 -1.97 7.54 3.09
CA LYS B 485 -2.30 7.59 1.66
C LYS B 485 -1.30 8.42 0.80
N PRO B 486 -0.93 9.61 1.25
CA PRO B 486 0.05 10.43 0.50
C PRO B 486 1.54 9.99 0.61
N LEU B 487 1.84 9.11 1.56
CA LEU B 487 3.21 8.61 1.77
C LEU B 487 3.53 7.40 0.93
N ARG B 488 4.82 7.10 0.81
CA ARG B 488 5.28 5.94 0.08
C ARG B 488 4.76 4.69 0.79
N HIS B 489 4.34 3.70 -0.01
CA HIS B 489 4.02 2.33 0.44
C HIS B 489 5.14 1.34 -0.04
#